data_9BWP
#
_entry.id   9BWP
#
_cell.length_a   130.778
_cell.length_b   130.778
_cell.length_c   121.597
_cell.angle_alpha   90.000
_cell.angle_beta   90.000
_cell.angle_gamma   90.000
#
_symmetry.space_group_name_H-M   'P 43 21 2'
#
loop_
_entity.id
_entity.type
_entity.pdbx_description
1 polymer 'Acetyl-CoA acetyltransferase'
2 non-polymer 'COENZYME A'
3 non-polymer 'acetoacetyl group'
4 water water
#
_entity_poly.entity_id   1
_entity_poly.type   'polypeptide(L)'
_entity_poly.pdbx_seq_one_letter_code
;GHMSNAAKEVVVVSGVRTAIGDFGGSLKDFSPTDLGAKVVSEVLSRANVSGDAVGHVVFGHVVNTEPKDMYLARVAAING
GVAQHTPALTVNRLCGSGLQAIVSAAQTIMLGDADVAIGGGSENMSRAPYTVPSARFGQRMGDAKLVDMMLGALHDPFQT
IHMGVTAENVARKYGITRDAQDALALESHRRAARAIAEGRFKDQILPISIRTKKGEVAFDTDEHVRHDAGPDDFTKLKPV
FVKEDGTVTAGNASGINDAAAAVLMMSADAARAQGVKPLARLVAYAHAGVDPAYMGIGPVPATQKALERAGLKITDLDVI
EANEAFAAQACAVTQELGLDPAKVNPNGSGISLGHPIGATGALITVKALYELKRIGGRYALVTMCIGGGQGIAAIFENI
;
_entity_poly.pdbx_strand_id   A,B
#
loop_
_chem_comp.id
_chem_comp.type
_chem_comp.name
_chem_comp.formula
A1BNQ non-polymer 'acetoacetyl group' 'C4 H6 O2'
COA non-polymer 'COENZYME A' 'C21 H36 N7 O16 P3 S'
#
# COMPACT_ATOMS: atom_id res chain seq x y z
N ALA A 6 13.70 -21.10 11.61
CA ALA A 6 12.50 -21.13 10.77
C ALA A 6 11.55 -20.00 11.13
N ALA A 7 10.44 -19.91 10.42
CA ALA A 7 9.47 -18.85 10.62
C ALA A 7 8.47 -19.23 11.71
N LYS A 8 8.02 -18.23 12.45
CA LYS A 8 7.07 -18.46 13.53
C LYS A 8 5.67 -18.75 12.99
N GLU A 9 4.95 -19.60 13.70
CA GLU A 9 3.58 -19.95 13.32
C GLU A 9 2.64 -18.80 13.66
N VAL A 10 1.68 -18.56 12.76
CA VAL A 10 0.75 -17.43 12.87
C VAL A 10 -0.64 -17.98 13.17
N VAL A 11 -1.23 -17.52 14.28
CA VAL A 11 -2.53 -17.96 14.73
C VAL A 11 -3.52 -16.81 14.53
N VAL A 12 -4.66 -17.12 13.90
CA VAL A 12 -5.76 -16.17 13.76
C VAL A 12 -6.70 -16.41 14.94
N VAL A 13 -6.77 -15.46 15.86
CA VAL A 13 -7.57 -15.65 17.06
C VAL A 13 -9.00 -15.17 16.86
N SER A 14 -9.20 -14.05 16.17
CA SER A 14 -10.52 -13.49 16.01
C SER A 14 -10.63 -12.80 14.66
N GLY A 15 -11.88 -12.57 14.25
CA GLY A 15 -12.16 -11.87 13.01
C GLY A 15 -13.59 -11.37 13.00
N VAL A 16 -13.82 -10.35 12.19
CA VAL A 16 -15.14 -9.76 12.07
C VAL A 16 -15.22 -9.04 10.73
N ARG A 17 -16.44 -8.83 10.25
CA ARG A 17 -16.70 -8.04 9.06
C ARG A 17 -17.97 -7.24 9.26
N THR A 18 -18.10 -6.15 8.52
CA THR A 18 -19.39 -5.49 8.42
C THR A 18 -20.27 -6.23 7.42
N ALA A 19 -21.57 -5.97 7.49
CA ALA A 19 -22.41 -6.33 6.36
C ALA A 19 -21.96 -5.51 5.15
N ILE A 20 -22.27 -6.02 3.96
CA ILE A 20 -21.79 -5.43 2.71
C ILE A 20 -22.89 -4.52 2.18
N GLY A 21 -22.59 -3.22 2.11
CA GLY A 21 -23.56 -2.25 1.63
C GLY A 21 -23.52 -2.13 0.12
N ASP A 22 -24.69 -1.81 -0.46
CA ASP A 22 -24.80 -1.64 -1.89
C ASP A 22 -24.18 -0.31 -2.32
N PHE A 23 -23.87 -0.24 -3.61
CA PHE A 23 -23.44 1.02 -4.21
C PHE A 23 -24.51 2.08 -3.97
N GLY A 24 -24.13 3.15 -3.28
CA GLY A 24 -25.10 4.15 -2.87
C GLY A 24 -26.12 3.65 -1.89
N GLY A 25 -25.78 2.62 -1.12
CA GLY A 25 -26.70 1.96 -0.21
C GLY A 25 -26.48 2.38 1.24
N SER A 26 -26.64 1.40 2.14
CA SER A 26 -26.78 1.71 3.56
C SER A 26 -25.51 2.30 4.17
N LEU A 27 -24.33 1.96 3.64
CA LEU A 27 -23.07 2.43 4.20
C LEU A 27 -22.48 3.60 3.42
N LYS A 28 -23.26 4.24 2.55
CA LYS A 28 -22.73 5.30 1.71
C LYS A 28 -22.22 6.50 2.52
N ASP A 29 -22.70 6.66 3.76
CA ASP A 29 -22.32 7.79 4.60
C ASP A 29 -21.18 7.46 5.56
N PHE A 30 -20.59 6.27 5.45
CA PHE A 30 -19.54 5.82 6.34
C PHE A 30 -18.22 5.77 5.57
N SER A 31 -17.26 6.58 6.00
CA SER A 31 -15.99 6.67 5.31
C SER A 31 -15.20 5.37 5.48
N PRO A 32 -14.20 5.14 4.62
CA PRO A 32 -13.35 3.95 4.81
C PRO A 32 -12.62 3.93 6.14
N THR A 33 -12.16 5.09 6.62
CA THR A 33 -11.47 5.13 7.91
C THR A 33 -12.43 4.90 9.06
N ASP A 34 -13.68 5.35 8.93
CA ASP A 34 -14.67 5.09 9.97
C ASP A 34 -15.01 3.61 10.02
N LEU A 35 -15.22 2.98 8.86
CA LEU A 35 -15.49 1.55 8.82
C LEU A 35 -14.28 0.76 9.32
N GLY A 36 -13.08 1.18 8.93
CA GLY A 36 -11.89 0.48 9.39
C GLY A 36 -11.77 0.51 10.91
N ALA A 37 -12.02 1.66 11.52
CA ALA A 37 -11.89 1.79 12.97
C ALA A 37 -12.91 0.91 13.69
N LYS A 38 -14.13 0.82 13.15
CA LYS A 38 -15.14 -0.03 13.77
C LYS A 38 -14.66 -1.47 13.87
N VAL A 39 -14.16 -2.02 12.77
CA VAL A 39 -13.75 -3.42 12.79
C VAL A 39 -12.50 -3.60 13.64
N VAL A 40 -11.60 -2.62 13.64
CA VAL A 40 -10.39 -2.73 14.48
C VAL A 40 -10.78 -2.89 15.94
N SER A 41 -11.67 -2.01 16.42
CA SER A 41 -12.08 -2.08 17.82
C SER A 41 -12.77 -3.40 18.13
N GLU A 42 -13.49 -3.96 17.16
CA GLU A 42 -14.29 -5.16 17.42
C GLU A 42 -13.43 -6.42 17.44
N VAL A 43 -12.43 -6.52 16.56
CA VAL A 43 -11.56 -7.69 16.60
C VAL A 43 -10.72 -7.69 17.87
N LEU A 44 -10.38 -6.50 18.38
CA LEU A 44 -9.68 -6.44 19.65
C LEU A 44 -10.56 -6.98 20.78
N SER A 45 -11.82 -6.55 20.83
CA SER A 45 -12.74 -7.05 21.84
C SER A 45 -12.92 -8.55 21.73
N ARG A 46 -13.10 -9.06 20.50
CA ARG A 46 -13.33 -10.49 20.31
C ARG A 46 -12.12 -11.31 20.73
N ALA A 47 -10.92 -10.78 20.52
CA ALA A 47 -9.69 -11.48 20.88
C ALA A 47 -9.30 -11.28 22.34
N ASN A 48 -9.97 -10.39 23.06
CA ASN A 48 -9.61 -10.08 24.45
C ASN A 48 -8.20 -9.51 24.52
N VAL A 49 -7.85 -8.67 23.56
CA VAL A 49 -6.53 -8.07 23.44
C VAL A 49 -6.65 -6.58 23.68
N SER A 50 -5.80 -6.04 24.54
CA SER A 50 -5.77 -4.61 24.78
C SER A 50 -5.19 -3.88 23.57
N GLY A 51 -5.75 -2.69 23.29
CA GLY A 51 -5.24 -1.88 22.20
C GLY A 51 -3.78 -1.51 22.35
N ASP A 52 -3.25 -1.56 23.57
CA ASP A 52 -1.85 -1.24 23.84
C ASP A 52 -0.91 -2.41 23.59
N ALA A 53 -1.41 -3.53 23.07
CA ALA A 53 -0.61 -4.74 22.90
C ALA A 53 -0.51 -5.17 21.44
N VAL A 54 -0.67 -4.24 20.50
CA VAL A 54 -0.67 -4.56 19.08
C VAL A 54 0.70 -4.23 18.50
N GLY A 55 1.30 -5.20 17.81
CA GLY A 55 2.60 -4.98 17.23
C GLY A 55 2.58 -4.30 15.88
N HIS A 56 1.52 -4.54 15.10
CA HIS A 56 1.45 -3.97 13.76
C HIS A 56 0.02 -4.00 13.26
N VAL A 57 -0.32 -3.01 12.43
CA VAL A 57 -1.63 -2.94 11.78
C VAL A 57 -1.41 -2.73 10.29
N VAL A 58 -2.04 -3.58 9.47
CA VAL A 58 -1.98 -3.46 8.02
C VAL A 58 -3.39 -3.51 7.48
N PHE A 59 -3.72 -2.59 6.58
CA PHE A 59 -5.05 -2.53 6.00
C PHE A 59 -4.96 -2.46 4.47
N GLY A 60 -5.84 -3.20 3.81
CA GLY A 60 -5.97 -3.11 2.37
C GLY A 60 -6.98 -2.02 1.99
N HIS A 61 -6.65 -1.29 0.93
CA HIS A 61 -7.46 -0.15 0.50
C HIS A 61 -6.99 0.31 -0.87
N VAL A 62 -7.93 0.51 -1.80
CA VAL A 62 -7.60 0.78 -3.20
C VAL A 62 -7.90 2.22 -3.59
N VAL A 63 -9.14 2.67 -3.40
CA VAL A 63 -9.62 3.94 -3.93
C VAL A 63 -9.69 4.94 -2.79
N ASN A 64 -8.75 5.88 -2.76
CA ASN A 64 -8.81 6.96 -1.79
C ASN A 64 -10.04 7.82 -2.05
N THR A 65 -10.87 7.99 -1.01
CA THR A 65 -12.06 8.81 -1.08
C THR A 65 -11.84 10.22 -0.55
N GLU A 66 -10.85 10.42 0.31
CA GLU A 66 -10.56 11.71 0.91
C GLU A 66 -9.13 11.68 1.42
N PRO A 67 -8.57 12.85 1.77
CA PRO A 67 -7.18 12.86 2.27
C PRO A 67 -6.91 11.89 3.40
N LYS A 68 -7.86 11.74 4.34
CA LYS A 68 -7.70 10.80 5.43
C LYS A 68 -7.31 9.41 4.94
N ASP A 69 -7.81 9.01 3.78
CA ASP A 69 -7.61 7.62 3.33
C ASP A 69 -6.14 7.31 3.06
N MET A 70 -5.35 8.33 2.72
CA MET A 70 -3.92 8.10 2.57
C MET A 70 -3.25 7.77 3.91
N TYR A 71 -3.95 7.96 5.03
CA TYR A 71 -3.51 7.54 6.35
C TYR A 71 -4.36 6.38 6.89
N LEU A 72 -4.97 5.58 6.00
CA LEU A 72 -6.11 4.77 6.39
C LEU A 72 -5.77 3.83 7.54
N ALA A 73 -4.75 2.98 7.35
CA ALA A 73 -4.42 2.00 8.39
C ALA A 73 -4.19 2.68 9.73
N ARG A 74 -3.50 3.82 9.74
CA ARG A 74 -3.20 4.50 10.99
C ARG A 74 -4.46 5.08 11.63
N VAL A 75 -5.36 5.65 10.82
CA VAL A 75 -6.59 6.21 11.37
C VAL A 75 -7.48 5.11 11.92
N ALA A 76 -7.62 4.01 11.16
CA ALA A 76 -8.40 2.89 11.65
C ALA A 76 -7.84 2.37 12.97
N ALA A 77 -6.52 2.30 13.09
CA ALA A 77 -5.91 1.82 14.33
C ALA A 77 -6.15 2.79 15.48
N ILE A 78 -5.74 4.05 15.30
CA ILE A 78 -5.88 5.04 16.38
C ILE A 78 -7.35 5.15 16.79
N ASN A 79 -8.23 5.43 15.82
CA ASN A 79 -9.64 5.60 16.14
C ASN A 79 -10.29 4.28 16.56
N GLY A 80 -9.67 3.15 16.24
CA GLY A 80 -10.14 1.86 16.70
C GLY A 80 -9.71 1.48 18.11
N GLY A 81 -8.84 2.29 18.72
CA GLY A 81 -8.40 2.04 20.07
C GLY A 81 -6.99 1.48 20.20
N VAL A 82 -6.23 1.41 19.12
CA VAL A 82 -4.87 0.90 19.18
C VAL A 82 -3.94 2.01 19.63
N ALA A 83 -3.00 1.67 20.50
CA ALA A 83 -2.08 2.68 21.03
C ALA A 83 -1.25 3.30 19.91
N GLN A 84 -0.87 4.56 20.11
CA GLN A 84 -0.13 5.29 19.09
C GLN A 84 1.28 4.76 18.87
N HIS A 85 1.78 3.88 19.72
CA HIS A 85 3.11 3.31 19.51
C HIS A 85 3.10 2.20 18.46
N THR A 86 1.92 1.87 17.89
CA THR A 86 1.82 0.75 16.95
C THR A 86 1.97 1.25 15.52
N PRO A 87 2.89 0.68 14.74
CA PRO A 87 2.98 1.07 13.33
C PRO A 87 1.76 0.61 12.55
N ALA A 88 1.43 1.37 11.50
CA ALA A 88 0.26 1.11 10.67
C ALA A 88 0.63 1.29 9.21
N LEU A 89 0.22 0.33 8.38
CA LEU A 89 0.57 0.31 6.96
C LEU A 89 -0.67 0.08 6.12
N THR A 90 -0.78 0.82 5.02
CA THR A 90 -1.81 0.61 4.01
C THR A 90 -1.18 -0.03 2.78
N VAL A 91 -1.83 -1.07 2.25
CA VAL A 91 -1.31 -1.81 1.11
C VAL A 91 -2.37 -1.81 0.01
N ASN A 92 -1.90 -1.89 -1.24
CA ASN A 92 -2.78 -1.87 -2.40
C ASN A 92 -2.30 -2.94 -3.37
N ARG A 93 -3.00 -4.07 -3.40
CA ARG A 93 -2.85 -5.05 -4.47
C ARG A 93 -4.20 -5.23 -5.15
N LEU A 94 -4.85 -4.12 -5.49
CA LEU A 94 -6.17 -4.10 -6.14
C LEU A 94 -7.10 -5.02 -5.34
N CYS A 95 -7.79 -5.96 -5.98
CA CYS A 95 -8.81 -6.76 -5.29
C CYS A 95 -8.19 -7.80 -4.37
N GLY A 96 -6.89 -7.99 -4.39
CA GLY A 96 -6.22 -8.84 -3.43
C GLY A 96 -5.75 -8.12 -2.18
N SER A 97 -6.12 -6.84 -2.01
CA SER A 97 -5.55 -6.04 -0.94
C SER A 97 -5.97 -6.53 0.43
N GLY A 98 -7.22 -6.96 0.56
CA GLY A 98 -7.70 -7.42 1.86
C GLY A 98 -6.93 -8.64 2.36
N LEU A 99 -6.63 -9.56 1.45
CA LEU A 99 -5.84 -10.72 1.83
C LEU A 99 -4.36 -10.39 1.92
N GLN A 100 -3.89 -9.47 1.08
CA GLN A 100 -2.50 -9.01 1.19
C GLN A 100 -2.24 -8.39 2.56
N ALA A 101 -3.18 -7.58 3.05
CA ALA A 101 -3.03 -6.98 4.37
C ALA A 101 -2.86 -8.05 5.44
N ILE A 102 -3.63 -9.13 5.35
CA ILE A 102 -3.51 -10.21 6.31
C ILE A 102 -2.16 -10.91 6.16
N VAL A 103 -1.73 -11.13 4.92
CA VAL A 103 -0.44 -11.75 4.66
C VAL A 103 0.68 -10.86 5.19
N SER A 104 0.64 -9.58 4.84
CA SER A 104 1.69 -8.66 5.27
C SER A 104 1.76 -8.59 6.79
N ALA A 105 0.61 -8.53 7.46
CA ALA A 105 0.61 -8.50 8.92
C ALA A 105 1.13 -9.80 9.50
N ALA A 106 0.72 -10.94 8.93
CA ALA A 106 1.23 -12.22 9.38
C ALA A 106 2.73 -12.34 9.16
N GLN A 107 3.28 -11.62 8.16
CA GLN A 107 4.71 -11.69 7.92
C GLN A 107 5.50 -11.07 9.06
N THR A 108 4.97 -9.99 9.66
CA THR A 108 5.64 -9.40 10.81
C THR A 108 5.72 -10.38 11.97
N ILE A 109 4.71 -11.23 12.13
CA ILE A 109 4.77 -12.26 13.16
C ILE A 109 5.75 -13.36 12.75
N MET A 110 5.70 -13.78 11.49
CA MET A 110 6.60 -14.83 11.02
C MET A 110 8.05 -14.45 11.23
N LEU A 111 8.40 -13.19 10.99
CA LEU A 111 9.78 -12.73 11.05
C LEU A 111 10.20 -12.28 12.44
N GLY A 112 9.32 -12.33 13.43
CA GLY A 112 9.66 -11.95 14.79
C GLY A 112 9.59 -10.48 15.09
N ASP A 113 9.11 -9.66 14.14
CA ASP A 113 8.97 -8.23 14.38
C ASP A 113 7.80 -7.90 15.30
N ALA A 114 6.86 -8.82 15.46
CA ALA A 114 5.69 -8.59 16.29
C ALA A 114 5.14 -9.92 16.76
N ASP A 115 4.45 -9.89 17.89
CA ASP A 115 3.69 -11.05 18.37
C ASP A 115 2.19 -10.86 18.19
N VAL A 116 1.73 -9.65 17.90
CA VAL A 116 0.32 -9.35 17.69
C VAL A 116 0.22 -8.41 16.51
N ALA A 117 -0.62 -8.74 15.54
CA ALA A 117 -0.80 -7.89 14.37
C ALA A 117 -2.23 -8.02 13.89
N ILE A 118 -2.76 -6.92 13.35
CA ILE A 118 -4.11 -6.87 12.82
C ILE A 118 -4.00 -6.72 11.30
N GLY A 119 -4.74 -7.56 10.58
CA GLY A 119 -4.82 -7.44 9.14
C GLY A 119 -6.27 -7.30 8.73
N GLY A 120 -6.57 -6.28 7.92
CA GLY A 120 -7.92 -6.06 7.47
C GLY A 120 -7.96 -5.28 6.17
N GLY A 121 -9.17 -4.94 5.76
CA GLY A 121 -9.36 -4.13 4.57
C GLY A 121 -10.62 -3.31 4.71
N SER A 122 -10.61 -2.13 4.10
CA SER A 122 -11.75 -1.24 4.14
C SER A 122 -11.89 -0.57 2.78
N GLU A 123 -13.13 -0.52 2.29
CA GLU A 123 -13.41 0.12 1.00
C GLU A 123 -14.84 0.62 1.00
N ASN A 124 -15.03 1.85 0.56
CA ASN A 124 -16.36 2.40 0.31
C ASN A 124 -16.37 2.95 -1.11
N MET A 125 -16.86 2.15 -2.04
CA MET A 125 -16.88 2.55 -3.44
C MET A 125 -17.99 3.55 -3.74
N SER A 126 -19.04 3.59 -2.93
CA SER A 126 -20.06 4.64 -3.09
C SER A 126 -19.43 6.02 -2.94
N ARG A 127 -18.43 6.14 -2.08
CA ARG A 127 -17.76 7.41 -1.84
C ARG A 127 -16.52 7.60 -2.72
N ALA A 128 -16.37 6.77 -3.74
CA ALA A 128 -15.25 6.94 -4.66
C ALA A 128 -15.34 8.31 -5.33
N PRO A 129 -14.25 9.06 -5.41
CA PRO A 129 -14.33 10.45 -5.88
C PRO A 129 -14.14 10.59 -7.37
N TYR A 130 -14.39 11.80 -7.85
CA TYR A 130 -13.99 12.23 -9.18
C TYR A 130 -12.80 13.18 -9.04
N THR A 131 -11.83 13.06 -9.93
CA THR A 131 -10.67 13.93 -9.92
C THR A 131 -10.76 14.94 -11.06
N VAL A 132 -10.04 16.04 -10.90
CA VAL A 132 -9.94 17.08 -11.92
C VAL A 132 -8.45 17.28 -12.22
N PRO A 133 -7.88 16.51 -13.16
CA PRO A 133 -6.43 16.63 -13.40
C PRO A 133 -5.98 18.04 -13.77
N SER A 134 -6.85 18.86 -14.37
CA SER A 134 -6.48 20.18 -14.83
C SER A 134 -6.77 21.27 -13.80
N ALA A 135 -7.13 20.90 -12.57
CA ALA A 135 -7.56 21.88 -11.59
C ALA A 135 -6.40 22.66 -10.99
N ARG A 136 -5.26 21.99 -10.75
CA ARG A 136 -4.15 22.64 -10.08
C ARG A 136 -3.54 23.73 -10.95
N PHE A 137 -3.23 23.41 -12.20
CA PHE A 137 -2.54 24.33 -13.09
C PHE A 137 -3.43 24.86 -14.21
N GLY A 138 -4.70 24.48 -14.24
CA GLY A 138 -5.65 25.11 -15.13
C GLY A 138 -5.72 24.45 -16.50
N GLN A 139 -6.83 24.74 -17.19
CA GLN A 139 -7.08 24.23 -18.54
C GLN A 139 -6.95 25.30 -19.61
N ARG A 140 -7.09 26.58 -19.26
CA ARG A 140 -6.92 27.69 -20.17
C ARG A 140 -8.07 27.79 -21.18
N MET A 141 -8.27 26.75 -21.98
CA MET A 141 -9.33 26.78 -22.98
C MET A 141 -9.66 25.35 -23.38
N GLY A 142 -10.90 25.16 -23.81
CA GLY A 142 -11.37 23.83 -24.19
C GLY A 142 -11.89 23.04 -23.01
N ASP A 143 -12.83 22.15 -23.30
CA ASP A 143 -13.42 21.33 -22.25
C ASP A 143 -12.37 20.42 -21.62
N ALA A 144 -12.55 20.16 -20.33
CA ALA A 144 -11.73 19.20 -19.61
C ALA A 144 -12.61 18.05 -19.15
N LYS A 145 -12.14 17.25 -18.20
CA LYS A 145 -12.91 16.10 -17.74
C LYS A 145 -12.80 15.95 -16.24
N LEU A 146 -13.87 15.45 -15.65
CA LEU A 146 -13.86 14.89 -14.30
C LEU A 146 -13.68 13.39 -14.44
N VAL A 147 -12.60 12.86 -13.87
CA VAL A 147 -12.23 11.46 -14.05
C VAL A 147 -12.86 10.64 -12.94
N ASP A 148 -13.70 9.69 -13.33
CA ASP A 148 -14.27 8.73 -12.39
C ASP A 148 -13.17 7.79 -11.90
N MET A 149 -12.76 7.94 -10.65
CA MET A 149 -11.69 7.12 -10.11
C MET A 149 -12.14 5.70 -9.79
N MET A 150 -13.44 5.49 -9.58
CA MET A 150 -13.96 4.15 -9.38
C MET A 150 -13.88 3.34 -10.67
N LEU A 151 -14.45 3.88 -11.75
CA LEU A 151 -14.39 3.19 -13.04
C LEU A 151 -12.94 3.08 -13.53
N GLY A 152 -12.12 4.10 -13.25
CA GLY A 152 -10.72 4.01 -13.61
C GLY A 152 -10.02 2.85 -12.92
N ALA A 153 -10.36 2.62 -11.66
CA ALA A 153 -9.81 1.47 -10.95
C ALA A 153 -10.23 0.16 -11.60
N LEU A 154 -11.42 0.12 -12.20
CA LEU A 154 -11.95 -1.07 -12.82
C LEU A 154 -11.48 -1.24 -14.26
N HIS A 155 -10.45 -0.50 -14.67
CA HIS A 155 -9.92 -0.56 -16.02
C HIS A 155 -8.48 -1.07 -15.99
N ASP A 156 -8.19 -2.05 -16.82
CA ASP A 156 -6.81 -2.52 -16.96
C ASP A 156 -5.94 -1.35 -17.41
N PRO A 157 -4.82 -1.08 -16.74
CA PRO A 157 -4.01 0.09 -17.08
C PRO A 157 -3.13 -0.07 -18.31
N PHE A 158 -3.12 -1.23 -18.95
CA PHE A 158 -2.30 -1.47 -20.13
C PHE A 158 -3.09 -1.34 -21.42
N GLN A 159 -4.24 -2.01 -21.51
CA GLN A 159 -5.11 -1.89 -22.66
C GLN A 159 -6.28 -0.93 -22.43
N THR A 160 -6.46 -0.45 -21.20
CA THR A 160 -7.53 0.48 -20.88
C THR A 160 -8.90 -0.11 -21.23
N ILE A 161 -9.12 -1.32 -20.75
CA ILE A 161 -10.40 -2.01 -20.91
C ILE A 161 -10.97 -2.29 -19.53
N HIS A 162 -12.30 -2.30 -19.44
CA HIS A 162 -12.96 -2.66 -18.19
C HIS A 162 -12.58 -4.08 -17.80
N MET A 163 -12.52 -4.32 -16.49
CA MET A 163 -12.24 -5.67 -15.99
C MET A 163 -13.17 -6.70 -16.62
N GLY A 164 -14.40 -6.29 -16.96
CA GLY A 164 -15.35 -7.20 -17.57
C GLY A 164 -14.95 -7.66 -18.95
N VAL A 165 -14.15 -6.87 -19.67
CA VAL A 165 -13.64 -7.32 -20.96
C VAL A 165 -12.64 -8.45 -20.77
N THR A 166 -11.78 -8.34 -19.74
CA THR A 166 -10.85 -9.43 -19.45
C THR A 166 -11.58 -10.67 -19.00
N ALA A 167 -12.79 -10.52 -18.44
CA ALA A 167 -13.59 -11.68 -18.09
C ALA A 167 -14.10 -12.38 -19.34
N GLU A 168 -14.42 -11.61 -20.40
CA GLU A 168 -14.81 -12.22 -21.67
C GLU A 168 -13.65 -13.00 -22.27
N ASN A 169 -12.43 -12.43 -22.21
CA ASN A 169 -11.26 -13.16 -22.70
C ASN A 169 -11.13 -14.51 -22.00
N VAL A 170 -11.38 -14.54 -20.70
CA VAL A 170 -11.24 -15.78 -19.94
C VAL A 170 -12.37 -16.75 -20.28
N ALA A 171 -13.59 -16.25 -20.39
CA ALA A 171 -14.70 -17.10 -20.80
C ALA A 171 -14.43 -17.71 -22.18
N ARG A 172 -13.97 -16.90 -23.12
CA ARG A 172 -13.69 -17.39 -24.46
C ARG A 172 -12.56 -18.41 -24.45
N LYS A 173 -11.49 -18.13 -23.71
CA LYS A 173 -10.32 -19.01 -23.75
C LYS A 173 -10.59 -20.32 -23.01
N TYR A 174 -11.47 -20.32 -22.02
CA TYR A 174 -11.69 -21.48 -21.17
C TYR A 174 -13.08 -22.09 -21.34
N GLY A 175 -13.81 -21.70 -22.37
CA GLY A 175 -15.07 -22.35 -22.69
C GLY A 175 -16.16 -22.21 -21.66
N ILE A 176 -16.34 -21.02 -21.10
CA ILE A 176 -17.35 -20.75 -20.08
C ILE A 176 -18.56 -20.16 -20.79
N THR A 177 -19.61 -20.97 -20.95
CA THR A 177 -20.80 -20.52 -21.65
C THR A 177 -21.57 -19.49 -20.82
N ARG A 178 -22.46 -18.77 -21.51
CA ARG A 178 -23.38 -17.87 -20.81
C ARG A 178 -24.24 -18.64 -19.81
N ASP A 179 -24.79 -19.78 -20.25
CA ASP A 179 -25.63 -20.58 -19.37
C ASP A 179 -24.87 -20.99 -18.11
N ALA A 180 -23.60 -21.35 -18.25
CA ALA A 180 -22.81 -21.74 -17.08
C ALA A 180 -22.58 -20.56 -16.14
N GLN A 181 -22.34 -19.37 -16.71
CA GLN A 181 -22.17 -18.19 -15.88
C GLN A 181 -23.44 -17.84 -15.13
N ASP A 182 -24.59 -17.90 -15.82
CA ASP A 182 -25.85 -17.61 -15.17
C ASP A 182 -26.22 -18.68 -14.17
N ALA A 183 -25.77 -19.92 -14.38
CA ALA A 183 -26.02 -20.97 -13.38
C ALA A 183 -25.26 -20.70 -12.09
N LEU A 184 -24.01 -20.24 -12.20
CA LEU A 184 -23.25 -19.91 -11.00
C LEU A 184 -23.84 -18.69 -10.30
N ALA A 185 -24.25 -17.68 -11.06
CA ALA A 185 -24.79 -16.46 -10.47
C ALA A 185 -26.07 -16.75 -9.69
N LEU A 186 -26.97 -17.55 -10.28
CA LEU A 186 -28.20 -17.89 -9.59
C LEU A 186 -27.90 -18.67 -8.31
N GLU A 187 -27.04 -19.68 -8.41
CA GLU A 187 -26.72 -20.50 -7.24
C GLU A 187 -26.05 -19.68 -6.16
N SER A 188 -25.31 -18.63 -6.54
CA SER A 188 -24.66 -17.79 -5.53
C SER A 188 -25.70 -17.04 -4.70
N HIS A 189 -26.67 -16.41 -5.36
CA HIS A 189 -27.73 -15.72 -4.63
C HIS A 189 -28.50 -16.69 -3.75
N ARG A 190 -28.85 -17.86 -4.27
CA ARG A 190 -29.59 -18.83 -3.49
C ARG A 190 -28.80 -19.29 -2.26
N ARG A 191 -27.49 -19.46 -2.42
CA ARG A 191 -26.66 -19.86 -1.28
C ARG A 191 -26.61 -18.76 -0.23
N ALA A 192 -26.37 -17.52 -0.66
CA ALA A 192 -26.30 -16.41 0.29
C ALA A 192 -27.65 -16.20 0.98
N ALA A 193 -28.74 -16.38 0.25
CA ALA A 193 -30.06 -16.24 0.85
C ALA A 193 -30.30 -17.30 1.91
N ARG A 194 -29.89 -18.53 1.65
CA ARG A 194 -30.00 -19.59 2.65
C ARG A 194 -29.15 -19.29 3.86
N ALA A 195 -27.93 -18.78 3.65
CA ALA A 195 -27.06 -18.43 4.76
C ALA A 195 -27.69 -17.33 5.61
N ILE A 196 -28.24 -16.30 4.97
CA ILE A 196 -28.88 -15.23 5.74
C ILE A 196 -30.08 -15.76 6.50
N ALA A 197 -30.87 -16.63 5.88
CA ALA A 197 -32.05 -17.16 6.55
C ALA A 197 -31.68 -18.07 7.72
N GLU A 198 -30.58 -18.80 7.61
CA GLU A 198 -30.13 -19.68 8.68
C GLU A 198 -29.27 -18.97 9.72
N GLY A 199 -28.86 -17.73 9.46
CA GLY A 199 -28.06 -16.99 10.42
C GLY A 199 -26.59 -17.35 10.43
N ARG A 200 -26.07 -17.85 9.32
CA ARG A 200 -24.67 -18.27 9.29
C ARG A 200 -23.70 -17.11 9.42
N PHE A 201 -24.13 -15.89 9.07
CA PHE A 201 -23.27 -14.71 9.14
C PHE A 201 -23.45 -13.92 10.43
N LYS A 202 -24.38 -14.31 11.30
CA LYS A 202 -24.72 -13.47 12.45
C LYS A 202 -23.49 -13.22 13.32
N ASP A 203 -22.75 -14.27 13.66
CA ASP A 203 -21.62 -14.12 14.58
C ASP A 203 -20.48 -13.33 13.96
N GLN A 204 -20.27 -13.46 12.64
CA GLN A 204 -19.12 -12.82 12.01
C GLN A 204 -19.38 -11.36 11.65
N ILE A 205 -20.63 -10.91 11.68
CA ILE A 205 -20.99 -9.57 11.23
C ILE A 205 -21.05 -8.62 12.43
N LEU A 206 -20.49 -7.43 12.25
CA LEU A 206 -20.61 -6.37 13.25
C LEU A 206 -21.73 -5.42 12.83
N PRO A 207 -22.86 -5.40 13.54
CA PRO A 207 -23.93 -4.47 13.15
C PRO A 207 -23.46 -3.02 13.21
N ILE A 208 -23.99 -2.22 12.29
CA ILE A 208 -23.73 -0.78 12.24
C ILE A 208 -25.06 -0.06 12.33
N SER A 209 -25.17 0.88 13.28
CA SER A 209 -26.37 1.70 13.43
C SER A 209 -26.34 2.79 12.37
N ILE A 210 -27.29 2.74 11.43
CA ILE A 210 -27.28 3.65 10.29
C ILE A 210 -28.35 4.72 10.46
N ARG A 211 -28.18 5.57 11.46
CA ARG A 211 -28.89 6.85 11.61
C ARG A 211 -29.79 7.20 10.43
N THR A 212 -31.08 6.93 10.56
CA THR A 212 -32.08 7.34 9.58
C THR A 212 -33.00 8.38 10.18
N LYS A 213 -33.77 9.03 9.32
CA LYS A 213 -34.73 10.04 9.77
C LYS A 213 -35.86 9.43 10.59
N LYS A 214 -36.11 8.13 10.44
CA LYS A 214 -37.11 7.42 11.22
C LYS A 214 -36.54 6.85 12.52
N GLY A 215 -35.29 7.16 12.83
CA GLY A 215 -34.59 6.61 13.97
C GLY A 215 -33.39 5.78 13.54
N GLU A 216 -32.69 5.26 14.55
CA GLU A 216 -31.50 4.46 14.34
C GLU A 216 -31.89 3.01 14.12
N VAL A 217 -31.48 2.44 12.99
CA VAL A 217 -31.75 1.05 12.65
C VAL A 217 -30.42 0.34 12.45
N ALA A 218 -30.40 -0.95 12.81
CA ALA A 218 -29.19 -1.74 12.70
C ALA A 218 -29.05 -2.29 11.29
N PHE A 219 -27.92 -2.00 10.65
CA PHE A 219 -27.55 -2.60 9.38
C PHE A 219 -26.67 -3.81 9.67
N ASP A 220 -27.21 -5.02 9.45
CA ASP A 220 -26.50 -6.23 9.80
C ASP A 220 -26.75 -7.37 8.80
N THR A 221 -27.19 -7.05 7.58
CA THR A 221 -27.47 -8.06 6.57
C THR A 221 -26.97 -7.57 5.22
N ASP A 222 -26.26 -8.43 4.50
CA ASP A 222 -25.73 -8.09 3.18
C ASP A 222 -26.88 -7.81 2.21
N GLU A 223 -27.00 -6.55 1.78
CA GLU A 223 -28.20 -6.09 1.09
C GLU A 223 -28.12 -6.24 -0.43
N HIS A 224 -27.04 -6.78 -0.96
CA HIS A 224 -26.96 -7.03 -2.41
C HIS A 224 -27.68 -8.30 -2.81
N VAL A 225 -27.97 -9.18 -1.85
CA VAL A 225 -28.52 -10.50 -2.15
C VAL A 225 -29.97 -10.37 -2.61
N ARG A 226 -30.31 -11.10 -3.67
CA ARG A 226 -31.67 -11.21 -4.18
C ARG A 226 -32.24 -12.53 -3.68
N HIS A 227 -33.24 -12.46 -2.81
CA HIS A 227 -33.76 -13.63 -2.13
C HIS A 227 -34.84 -14.37 -2.92
N ASP A 228 -35.30 -13.80 -4.03
CA ASP A 228 -36.36 -14.40 -4.84
C ASP A 228 -35.89 -14.64 -6.27
N ALA A 229 -34.59 -14.87 -6.44
CA ALA A 229 -34.01 -14.97 -7.77
C ALA A 229 -34.40 -16.29 -8.44
N GLY A 230 -34.78 -16.20 -9.71
CA GLY A 230 -35.02 -17.37 -10.52
C GLY A 230 -34.15 -17.36 -11.76
N PRO A 231 -34.17 -18.46 -12.53
CA PRO A 231 -33.27 -18.52 -13.70
C PRO A 231 -33.54 -17.42 -14.72
N ASP A 232 -34.80 -17.04 -14.93
CA ASP A 232 -35.12 -16.05 -15.95
C ASP A 232 -34.56 -14.68 -15.59
N ASP A 233 -34.36 -14.39 -14.30
CA ASP A 233 -33.84 -13.09 -13.90
C ASP A 233 -32.49 -12.80 -14.54
N PHE A 234 -31.68 -13.83 -14.77
CA PHE A 234 -30.37 -13.68 -15.37
C PHE A 234 -30.36 -13.88 -16.88
N THR A 235 -31.27 -14.71 -17.40
CA THR A 235 -31.31 -14.96 -18.84
C THR A 235 -31.82 -13.75 -19.61
N LYS A 236 -32.68 -12.93 -18.99
CA LYS A 236 -33.22 -11.77 -19.67
C LYS A 236 -32.20 -10.64 -19.81
N LEU A 237 -31.15 -10.63 -18.99
CA LEU A 237 -30.20 -9.54 -19.02
C LEU A 237 -29.31 -9.61 -20.27
N LYS A 238 -28.82 -8.43 -20.70
CA LYS A 238 -27.98 -8.30 -21.88
C LYS A 238 -26.52 -8.12 -21.49
N PRO A 239 -25.58 -8.56 -22.34
CA PRO A 239 -24.17 -8.32 -22.02
C PRO A 239 -23.87 -6.83 -21.90
N VAL A 240 -22.88 -6.51 -21.07
CA VAL A 240 -22.67 -5.14 -20.62
C VAL A 240 -21.31 -4.58 -21.03
N PHE A 241 -20.31 -5.42 -21.33
CA PHE A 241 -18.95 -4.94 -21.52
C PHE A 241 -18.43 -5.06 -22.95
N VAL A 242 -19.08 -5.86 -23.79
CA VAL A 242 -18.71 -6.00 -25.19
C VAL A 242 -19.96 -5.88 -26.04
N LYS A 243 -19.80 -5.36 -27.24
CA LYS A 243 -20.92 -5.16 -28.15
C LYS A 243 -21.18 -6.37 -29.05
N GLU A 244 -20.28 -7.34 -29.09
CA GLU A 244 -20.42 -8.51 -29.94
C GLU A 244 -20.05 -9.77 -29.19
N ASP A 245 -20.92 -10.78 -29.25
CA ASP A 245 -20.65 -12.10 -28.68
C ASP A 245 -20.40 -12.00 -27.17
N GLY A 246 -21.19 -11.18 -26.49
CA GLY A 246 -21.01 -10.99 -25.07
C GLY A 246 -21.67 -12.09 -24.24
N THR A 247 -21.13 -12.29 -23.05
CA THR A 247 -21.71 -13.20 -22.06
C THR A 247 -21.76 -12.62 -20.66
N VAL A 248 -20.98 -11.59 -20.35
CA VAL A 248 -20.91 -11.05 -19.00
C VAL A 248 -21.96 -9.95 -18.86
N THR A 249 -22.86 -10.13 -17.91
CA THR A 249 -23.95 -9.22 -17.66
C THR A 249 -23.82 -8.61 -16.27
N ALA A 250 -24.67 -7.64 -15.98
CA ALA A 250 -24.74 -7.10 -14.63
C ALA A 250 -25.17 -8.16 -13.63
N GLY A 251 -25.84 -9.22 -14.08
CA GLY A 251 -26.34 -10.25 -13.19
C GLY A 251 -25.30 -11.28 -12.80
N ASN A 252 -24.42 -11.65 -13.74
CA ASN A 252 -23.36 -12.60 -13.46
C ASN A 252 -22.01 -11.91 -13.22
N ALA A 253 -22.01 -10.61 -12.98
CA ALA A 253 -20.83 -9.87 -12.56
C ALA A 253 -20.99 -9.48 -11.10
N SER A 254 -19.86 -9.38 -10.39
CA SER A 254 -19.91 -8.95 -9.00
C SER A 254 -20.44 -7.53 -8.92
N GLY A 255 -20.90 -7.17 -7.72
CA GLY A 255 -21.38 -5.83 -7.48
C GLY A 255 -20.28 -4.88 -7.03
N ILE A 256 -20.65 -3.61 -6.96
CA ILE A 256 -19.80 -2.54 -6.44
C ILE A 256 -20.35 -2.18 -5.07
N ASN A 257 -19.51 -2.27 -4.02
CA ASN A 257 -20.03 -2.30 -2.66
C ASN A 257 -19.07 -1.63 -1.69
N ASP A 258 -19.54 -1.50 -0.44
CA ASP A 258 -18.81 -0.89 0.66
C ASP A 258 -18.82 -1.82 1.86
N ALA A 259 -17.66 -1.97 2.51
CA ALA A 259 -17.57 -2.83 3.68
C ALA A 259 -16.15 -2.74 4.25
N ALA A 260 -15.97 -3.35 5.42
CA ALA A 260 -14.67 -3.49 6.03
C ALA A 260 -14.62 -4.80 6.78
N ALA A 261 -13.39 -5.28 7.02
CA ALA A 261 -13.20 -6.51 7.77
C ALA A 261 -11.77 -6.54 8.29
N ALA A 262 -11.55 -7.37 9.31
CA ALA A 262 -10.23 -7.48 9.91
C ALA A 262 -10.15 -8.78 10.70
N VAL A 263 -8.93 -9.30 10.81
CA VAL A 263 -8.63 -10.41 11.71
C VAL A 263 -7.49 -9.98 12.62
N LEU A 264 -7.48 -10.55 13.82
CA LEU A 264 -6.41 -10.35 14.79
C LEU A 264 -5.58 -11.62 14.83
N MET A 265 -4.28 -11.49 14.63
CA MET A 265 -3.37 -12.62 14.62
C MET A 265 -2.32 -12.46 15.70
N MET A 266 -1.81 -13.60 16.17
CA MET A 266 -0.77 -13.64 17.18
C MET A 266 0.19 -14.77 16.84
N SER A 267 1.42 -14.65 17.34
CA SER A 267 2.34 -15.77 17.31
C SER A 267 1.75 -16.94 18.09
N ALA A 268 2.11 -18.16 17.68
CA ALA A 268 1.59 -19.34 18.37
C ALA A 268 1.93 -19.30 19.86
N ASP A 269 3.15 -18.85 20.20
CA ASP A 269 3.55 -18.81 21.60
C ASP A 269 2.69 -17.82 22.38
N ALA A 270 2.43 -16.63 21.81
CA ALA A 270 1.58 -15.67 22.48
C ALA A 270 0.16 -16.19 22.63
N ALA A 271 -0.32 -16.98 21.66
CA ALA A 271 -1.65 -17.55 21.76
C ALA A 271 -1.72 -18.63 22.83
N ARG A 272 -0.70 -19.48 22.90
CA ARG A 272 -0.63 -20.46 23.98
C ARG A 272 -0.63 -19.77 25.34
N ALA A 273 0.28 -18.81 25.51
CA ALA A 273 0.44 -18.18 26.82
C ALA A 273 -0.86 -17.53 27.28
N GLN A 274 -1.54 -16.81 26.38
CA GLN A 274 -2.79 -16.16 26.75
C GLN A 274 -3.92 -17.17 26.95
N GLY A 275 -3.84 -18.32 26.28
CA GLY A 275 -4.91 -19.30 26.37
C GLY A 275 -6.12 -18.95 25.54
N VAL A 276 -5.93 -18.29 24.40
CA VAL A 276 -7.05 -17.91 23.55
C VAL A 276 -7.64 -19.15 22.91
N LYS A 277 -8.92 -19.07 22.57
CA LYS A 277 -9.59 -20.09 21.77
C LYS A 277 -9.67 -19.55 20.35
N PRO A 278 -8.75 -19.89 19.46
CA PRO A 278 -8.62 -19.17 18.19
C PRO A 278 -9.51 -19.73 17.09
N LEU A 279 -9.56 -18.98 15.98
CA LEU A 279 -10.29 -19.43 14.80
C LEU A 279 -9.48 -20.47 14.03
N ALA A 280 -8.27 -20.10 13.63
CA ALA A 280 -7.48 -20.94 12.74
C ALA A 280 -6.02 -20.52 12.82
N ARG A 281 -5.16 -21.33 12.20
CA ARG A 281 -3.77 -20.98 12.00
C ARG A 281 -3.49 -20.83 10.51
N LEU A 282 -2.48 -20.02 10.19
CA LEU A 282 -2.07 -19.84 8.80
C LEU A 282 -1.15 -20.98 8.39
N VAL A 283 -1.47 -21.62 7.28
CA VAL A 283 -0.70 -22.76 6.78
C VAL A 283 0.30 -22.32 5.71
N ALA A 284 -0.13 -21.51 4.76
CA ALA A 284 0.73 -21.08 3.68
C ALA A 284 0.01 -20.00 2.88
N TYR A 285 0.77 -19.33 2.02
CA TYR A 285 0.24 -18.33 1.11
C TYR A 285 1.12 -18.31 -0.13
N ALA A 286 0.60 -17.72 -1.21
CA ALA A 286 1.36 -17.68 -2.44
C ALA A 286 0.80 -16.57 -3.32
N HIS A 287 1.65 -16.07 -4.22
CA HIS A 287 1.31 -15.05 -5.19
C HIS A 287 1.56 -15.58 -6.59
N ALA A 288 1.01 -14.88 -7.58
CA ALA A 288 1.24 -15.26 -8.97
C ALA A 288 0.88 -14.08 -9.87
N GLY A 289 1.58 -14.00 -10.99
CA GLY A 289 1.28 -13.04 -12.03
C GLY A 289 0.89 -13.75 -13.31
N VAL A 290 -0.02 -13.13 -14.06
CA VAL A 290 -0.54 -13.71 -15.29
C VAL A 290 -0.73 -12.59 -16.31
N ASP A 291 -1.08 -12.98 -17.53
CA ASP A 291 -1.42 -12.04 -18.58
C ASP A 291 -2.50 -11.07 -18.08
N PRO A 292 -2.24 -9.75 -18.09
CA PRO A 292 -3.30 -8.82 -17.63
C PRO A 292 -4.62 -9.02 -18.33
N ALA A 293 -4.61 -9.37 -19.62
CA ALA A 293 -5.84 -9.57 -20.36
C ALA A 293 -6.60 -10.82 -19.90
N TYR A 294 -5.98 -11.68 -19.10
CA TYR A 294 -6.60 -12.90 -18.58
C TYR A 294 -6.48 -12.95 -17.07
N MET A 295 -6.57 -11.79 -16.41
CA MET A 295 -6.35 -11.73 -14.97
C MET A 295 -7.30 -12.62 -14.19
N GLY A 296 -8.44 -13.01 -14.77
CA GLY A 296 -9.42 -13.79 -14.03
C GLY A 296 -8.92 -15.15 -13.58
N ILE A 297 -7.94 -15.72 -14.28
CA ILE A 297 -7.41 -17.02 -13.89
C ILE A 297 -6.17 -16.91 -13.02
N GLY A 298 -5.85 -15.71 -12.54
CA GLY A 298 -4.77 -15.55 -11.58
C GLY A 298 -4.84 -16.48 -10.39
N PRO A 299 -6.03 -16.71 -9.83
CA PRO A 299 -6.11 -17.64 -8.68
C PRO A 299 -5.59 -19.04 -8.98
N VAL A 300 -5.63 -19.48 -10.24
CA VAL A 300 -5.26 -20.85 -10.58
C VAL A 300 -3.81 -21.09 -10.15
N PRO A 301 -2.81 -20.44 -10.75
CA PRO A 301 -1.44 -20.67 -10.29
C PRO A 301 -1.27 -20.37 -8.80
N ALA A 302 -1.64 -19.18 -8.36
CA ALA A 302 -1.50 -18.81 -6.96
C ALA A 302 -1.96 -19.94 -6.03
N THR A 303 -3.13 -20.52 -6.32
CA THR A 303 -3.63 -21.61 -5.50
C THR A 303 -2.75 -22.85 -5.62
N GLN A 304 -2.17 -23.09 -6.80
CA GLN A 304 -1.31 -24.25 -6.97
C GLN A 304 -0.03 -24.11 -6.15
N LYS A 305 0.56 -22.92 -6.10
CA LYS A 305 1.77 -22.72 -5.32
C LYS A 305 1.48 -22.82 -3.83
N ALA A 306 0.32 -22.33 -3.39
CA ALA A 306 -0.03 -22.40 -1.98
C ALA A 306 -0.21 -23.84 -1.51
N LEU A 307 -0.86 -24.67 -2.33
CA LEU A 307 -0.99 -26.08 -1.99
C LEU A 307 0.38 -26.75 -1.95
N GLU A 308 1.25 -26.40 -2.88
CA GLU A 308 2.63 -26.91 -2.86
C GLU A 308 3.32 -26.52 -1.57
N ARG A 309 3.23 -25.24 -1.19
CA ARG A 309 3.88 -24.78 0.03
C ARG A 309 3.30 -25.48 1.26
N ALA A 310 1.98 -25.62 1.31
CA ALA A 310 1.32 -26.29 2.42
C ALA A 310 1.47 -27.80 2.39
N GLY A 311 1.98 -28.36 1.30
CA GLY A 311 2.06 -29.81 1.17
C GLY A 311 0.68 -30.45 1.19
N LEU A 312 -0.30 -29.82 0.58
CA LEU A 312 -1.67 -30.32 0.56
C LEU A 312 -2.13 -30.53 -0.88
N LYS A 313 -3.29 -31.16 -1.00
CA LYS A 313 -3.93 -31.40 -2.28
C LYS A 313 -5.28 -30.72 -2.31
N ILE A 314 -5.87 -30.69 -3.52
CA ILE A 314 -7.15 -30.02 -3.71
C ILE A 314 -8.23 -30.74 -2.90
N THR A 315 -8.15 -32.08 -2.83
CA THR A 315 -9.13 -32.86 -2.10
C THR A 315 -9.07 -32.61 -0.60
N ASP A 316 -7.99 -31.99 -0.09
CA ASP A 316 -7.89 -31.72 1.33
C ASP A 316 -8.61 -30.44 1.75
N LEU A 317 -9.15 -29.68 0.80
CA LEU A 317 -9.82 -28.42 1.09
C LEU A 317 -11.28 -28.69 1.42
N ASP A 318 -11.67 -28.38 2.66
CA ASP A 318 -13.07 -28.51 3.04
C ASP A 318 -13.87 -27.27 2.66
N VAL A 319 -13.25 -26.09 2.71
CA VAL A 319 -13.92 -24.83 2.41
C VAL A 319 -13.04 -24.05 1.45
N ILE A 320 -13.67 -23.39 0.47
CA ILE A 320 -12.95 -22.60 -0.51
C ILE A 320 -13.71 -21.29 -0.70
N GLU A 321 -13.03 -20.17 -0.45
CA GLU A 321 -13.56 -18.84 -0.71
C GLU A 321 -12.76 -18.24 -1.85
N ALA A 322 -13.28 -18.39 -3.06
CA ALA A 322 -12.70 -17.78 -4.26
C ALA A 322 -13.65 -16.71 -4.75
N ASN A 323 -13.20 -15.46 -4.70
CA ASN A 323 -14.09 -14.34 -4.98
C ASN A 323 -14.70 -14.46 -6.37
N GLU A 324 -16.01 -14.26 -6.44
CA GLU A 324 -16.74 -14.25 -7.71
C GLU A 324 -16.71 -12.84 -8.28
N ALA A 325 -15.55 -12.46 -8.82
CA ALA A 325 -15.47 -11.19 -9.53
C ALA A 325 -16.40 -11.19 -10.74
N PHE A 326 -16.29 -12.22 -11.57
CA PHE A 326 -17.24 -12.49 -12.64
C PHE A 326 -17.45 -14.00 -12.71
N ALA A 327 -18.68 -14.41 -12.99
CA ALA A 327 -18.92 -15.84 -13.20
C ALA A 327 -18.02 -16.39 -14.29
N ALA A 328 -17.67 -15.56 -15.28
CA ALA A 328 -16.80 -16.00 -16.36
C ALA A 328 -15.49 -16.54 -15.84
N GLN A 329 -14.84 -15.80 -14.93
CA GLN A 329 -13.55 -16.22 -14.40
C GLN A 329 -13.69 -17.19 -13.22
N ALA A 330 -14.75 -17.04 -12.43
CA ALA A 330 -14.93 -17.95 -11.30
C ALA A 330 -15.18 -19.37 -11.77
N CYS A 331 -15.89 -19.53 -12.89
CA CYS A 331 -16.08 -20.87 -13.47
C CYS A 331 -14.77 -21.42 -14.00
N ALA A 332 -14.00 -20.59 -14.70
CA ALA A 332 -12.72 -21.05 -15.23
C ALA A 332 -11.77 -21.44 -14.11
N VAL A 333 -11.78 -20.69 -13.01
CA VAL A 333 -10.92 -21.00 -11.88
C VAL A 333 -11.28 -22.37 -11.30
N THR A 334 -12.55 -22.57 -10.97
CA THR A 334 -12.99 -23.85 -10.43
C THR A 334 -12.76 -24.98 -11.42
N GLN A 335 -12.92 -24.71 -12.72
CA GLN A 335 -12.74 -25.74 -13.72
C GLN A 335 -11.27 -26.10 -13.87
N GLU A 336 -10.39 -25.11 -13.86
CA GLU A 336 -8.97 -25.37 -14.08
C GLU A 336 -8.32 -26.06 -12.89
N LEU A 337 -8.81 -25.81 -11.68
CA LEU A 337 -8.27 -26.44 -10.48
C LEU A 337 -8.94 -27.76 -10.14
N GLY A 338 -10.06 -28.10 -10.77
CA GLY A 338 -10.75 -29.33 -10.46
C GLY A 338 -11.47 -29.30 -9.13
N LEU A 339 -12.02 -28.15 -8.74
CA LEU A 339 -12.67 -28.00 -7.45
C LEU A 339 -14.13 -28.43 -7.54
N ASP A 340 -14.68 -28.82 -6.40
CA ASP A 340 -16.09 -29.18 -6.29
C ASP A 340 -16.91 -27.91 -6.10
N PRO A 341 -17.77 -27.54 -7.05
CA PRO A 341 -18.55 -26.30 -6.88
C PRO A 341 -19.36 -26.27 -5.59
N ALA A 342 -19.63 -27.42 -4.98
CA ALA A 342 -20.36 -27.43 -3.71
C ALA A 342 -19.50 -26.91 -2.57
N LYS A 343 -18.19 -27.16 -2.61
CA LYS A 343 -17.30 -26.67 -1.58
C LYS A 343 -16.83 -25.25 -1.83
N VAL A 344 -17.00 -24.75 -3.04
CA VAL A 344 -16.53 -23.41 -3.42
C VAL A 344 -17.64 -22.40 -3.14
N ASN A 345 -17.34 -21.44 -2.27
CA ASN A 345 -18.29 -20.37 -1.92
C ASN A 345 -19.63 -20.96 -1.50
N PRO A 346 -19.66 -21.75 -0.43
CA PRO A 346 -20.92 -22.41 -0.04
C PRO A 346 -22.03 -21.45 0.36
N ASN A 347 -21.70 -20.21 0.72
CA ASN A 347 -22.67 -19.23 1.17
C ASN A 347 -22.71 -18.01 0.25
N GLY A 348 -22.31 -18.18 -1.01
CA GLY A 348 -22.29 -17.08 -1.95
C GLY A 348 -20.97 -16.33 -1.93
N SER A 349 -20.91 -15.29 -2.77
CA SER A 349 -19.71 -14.48 -2.89
C SER A 349 -19.97 -13.19 -3.66
N GLY A 350 -18.99 -12.73 -4.43
CA GLY A 350 -19.05 -11.39 -4.99
C GLY A 350 -20.34 -11.09 -5.74
N ILE A 351 -20.86 -12.08 -6.48
CA ILE A 351 -22.03 -11.81 -7.31
C ILE A 351 -23.25 -11.50 -6.44
N SER A 352 -23.41 -12.21 -5.33
CA SER A 352 -24.60 -12.09 -4.50
C SER A 352 -24.37 -11.17 -3.29
N LEU A 353 -23.25 -11.35 -2.59
CA LEU A 353 -22.98 -10.57 -1.40
C LEU A 353 -22.30 -9.24 -1.69
N GLY A 354 -21.60 -9.13 -2.81
CA GLY A 354 -20.95 -7.90 -3.20
C GLY A 354 -19.43 -8.01 -3.14
N HIS A 355 -18.79 -7.01 -3.72
CA HIS A 355 -17.34 -7.01 -3.93
C HIS A 355 -16.78 -5.66 -3.51
N PRO A 356 -16.61 -5.42 -2.20
CA PRO A 356 -15.94 -4.19 -1.74
C PRO A 356 -14.44 -4.31 -1.87
N ILE A 357 -13.92 -3.96 -3.05
CA ILE A 357 -12.68 -4.54 -3.57
C ILE A 357 -11.59 -4.59 -2.49
N GLY A 358 -11.32 -3.45 -1.85
CA GLY A 358 -10.22 -3.41 -0.90
C GLY A 358 -10.41 -4.29 0.32
N ALA A 359 -11.66 -4.46 0.75
CA ALA A 359 -11.96 -5.26 1.93
C ALA A 359 -12.28 -6.71 1.60
N THR A 360 -12.52 -7.03 0.33
CA THR A 360 -13.00 -8.36 -0.02
C THR A 360 -12.06 -9.45 0.48
N GLY A 361 -10.75 -9.26 0.28
CA GLY A 361 -9.81 -10.30 0.66
C GLY A 361 -9.89 -10.67 2.12
N ALA A 362 -9.95 -9.67 3.00
CA ALA A 362 -10.09 -9.94 4.42
C ALA A 362 -11.52 -10.38 4.76
N LEU A 363 -12.50 -9.86 4.02
CA LEU A 363 -13.89 -10.19 4.28
C LEU A 363 -14.15 -11.68 4.06
N ILE A 364 -13.69 -12.22 2.93
CA ILE A 364 -13.94 -13.64 2.64
C ILE A 364 -13.03 -14.55 3.45
N THR A 365 -11.94 -14.03 4.00
CA THR A 365 -11.16 -14.81 4.96
C THR A 365 -11.99 -15.07 6.22
N VAL A 366 -12.64 -14.02 6.73
CA VAL A 366 -13.56 -14.19 7.85
C VAL A 366 -14.63 -15.23 7.50
N LYS A 367 -15.21 -15.12 6.30
CA LYS A 367 -16.23 -16.07 5.88
C LYS A 367 -15.69 -17.50 5.91
N ALA A 368 -14.48 -17.70 5.39
CA ALA A 368 -13.92 -19.04 5.30
C ALA A 368 -13.69 -19.63 6.69
N LEU A 369 -13.19 -18.82 7.63
CA LEU A 369 -12.86 -19.35 8.94
C LEU A 369 -14.10 -19.65 9.76
N TYR A 370 -15.14 -18.84 9.63
CA TYR A 370 -16.38 -19.13 10.34
C TYR A 370 -17.11 -20.32 9.71
N GLU A 371 -16.95 -20.54 8.41
CA GLU A 371 -17.55 -21.71 7.77
C GLU A 371 -16.84 -22.99 8.22
N LEU A 372 -15.52 -22.94 8.38
CA LEU A 372 -14.81 -24.08 8.94
C LEU A 372 -15.38 -24.46 10.29
N LYS A 373 -15.63 -23.48 11.16
CA LYS A 373 -16.21 -23.77 12.47
C LYS A 373 -17.62 -24.34 12.34
N ARG A 374 -18.37 -23.92 11.33
CA ARG A 374 -19.74 -24.39 11.19
C ARG A 374 -19.81 -25.86 10.82
N ILE A 375 -18.94 -26.30 9.90
CA ILE A 375 -18.96 -27.68 9.42
C ILE A 375 -17.92 -28.55 10.09
N GLY A 376 -17.15 -28.01 11.02
CA GLY A 376 -16.07 -28.78 11.62
C GLY A 376 -14.98 -29.15 10.64
N GLY A 377 -14.85 -28.40 9.55
CA GLY A 377 -13.81 -28.67 8.58
C GLY A 377 -12.43 -28.38 9.14
N ARG A 378 -11.42 -28.70 8.33
CA ARG A 378 -10.03 -28.53 8.72
C ARG A 378 -9.32 -27.46 7.92
N TYR A 379 -9.34 -27.53 6.59
CA TYR A 379 -8.58 -26.64 5.73
C TYR A 379 -9.52 -25.75 4.92
N ALA A 380 -9.14 -24.49 4.78
CA ALA A 380 -9.85 -23.54 3.95
C ALA A 380 -8.87 -22.85 3.00
N LEU A 381 -9.28 -22.70 1.75
CA LEU A 381 -8.52 -21.95 0.76
C LEU A 381 -9.21 -20.61 0.51
N VAL A 382 -8.44 -19.54 0.56
CA VAL A 382 -8.91 -18.20 0.23
C VAL A 382 -8.07 -17.68 -0.92
N THR A 383 -8.73 -17.34 -2.03
CA THR A 383 -8.03 -16.85 -3.20
C THR A 383 -8.91 -15.87 -3.95
N MET A 384 -8.28 -15.01 -4.76
CA MET A 384 -9.02 -14.09 -5.60
C MET A 384 -8.12 -13.58 -6.71
N CYS A 385 -8.75 -13.15 -7.80
CA CYS A 385 -8.03 -12.58 -8.93
C CYS A 385 -7.79 -11.09 -8.70
N ILE A 386 -6.89 -10.52 -9.51
CA ILE A 386 -6.39 -9.17 -9.27
C ILE A 386 -6.22 -8.48 -10.62
N GLY A 387 -6.84 -7.30 -10.76
CA GLY A 387 -6.64 -6.52 -11.96
C GLY A 387 -5.18 -6.20 -12.20
N GLY A 388 -4.80 -6.19 -13.47
CA GLY A 388 -3.41 -6.10 -13.87
C GLY A 388 -2.77 -7.44 -14.13
N GLY A 389 -3.41 -8.53 -13.71
CA GLY A 389 -2.89 -9.86 -13.97
C GLY A 389 -2.12 -10.45 -12.81
N GLN A 390 -2.80 -10.67 -11.68
CA GLN A 390 -2.18 -11.32 -10.53
C GLN A 390 -3.21 -12.21 -9.84
N GLY A 391 -2.69 -13.08 -8.98
CA GLY A 391 -3.53 -13.87 -8.10
C GLY A 391 -2.87 -13.99 -6.74
N ILE A 392 -3.70 -14.25 -5.74
CA ILE A 392 -3.23 -14.41 -4.37
C ILE A 392 -4.05 -15.50 -3.70
N ALA A 393 -3.38 -16.33 -2.91
CA ALA A 393 -4.04 -17.45 -2.25
C ALA A 393 -3.42 -17.66 -0.87
N ALA A 394 -4.25 -18.09 0.07
CA ALA A 394 -3.80 -18.48 1.40
C ALA A 394 -4.62 -19.68 1.86
N ILE A 395 -3.99 -20.52 2.68
CA ILE A 395 -4.62 -21.70 3.25
C ILE A 395 -4.57 -21.59 4.75
N PHE A 396 -5.69 -21.85 5.41
CA PHE A 396 -5.81 -21.82 6.86
C PHE A 396 -6.26 -23.18 7.36
N GLU A 397 -5.90 -23.49 8.60
CA GLU A 397 -6.29 -24.73 9.26
C GLU A 397 -7.13 -24.40 10.48
N ASN A 398 -8.31 -25.02 10.57
CA ASN A 398 -9.15 -24.86 11.75
C ASN A 398 -8.54 -25.61 12.93
N ILE A 399 -8.44 -24.93 14.07
CA ILE A 399 -7.83 -25.53 15.25
C ILE A 399 -8.65 -25.19 16.49
N ALA B 6 16.40 -19.87 10.35
CA ALA B 6 16.62 -18.43 10.45
C ALA B 6 16.20 -17.73 9.17
N ALA B 7 16.33 -16.40 9.16
CA ALA B 7 15.93 -15.59 8.01
C ALA B 7 17.08 -15.48 7.01
N LYS B 8 16.73 -15.42 5.74
CA LYS B 8 17.73 -15.35 4.68
C LYS B 8 18.34 -13.96 4.60
N GLU B 9 19.60 -13.90 4.17
CA GLU B 9 20.32 -12.65 4.05
C GLU B 9 19.99 -11.98 2.71
N VAL B 10 19.75 -10.67 2.77
CA VAL B 10 19.32 -9.89 1.61
C VAL B 10 20.46 -8.99 1.16
N VAL B 11 20.75 -9.02 -0.13
CA VAL B 11 21.83 -8.24 -0.73
C VAL B 11 21.22 -7.21 -1.68
N VAL B 12 21.72 -5.98 -1.60
CA VAL B 12 21.36 -4.94 -2.55
C VAL B 12 22.42 -4.91 -3.63
N VAL B 13 22.04 -5.23 -4.86
CA VAL B 13 23.01 -5.36 -5.94
C VAL B 13 23.09 -4.08 -6.76
N SER B 14 21.97 -3.36 -6.88
CA SER B 14 21.92 -2.19 -7.73
C SER B 14 20.87 -1.22 -7.22
N GLY B 15 21.06 0.04 -7.59
CA GLY B 15 20.11 1.09 -7.26
C GLY B 15 20.29 2.28 -8.16
N VAL B 16 19.23 3.08 -8.27
CA VAL B 16 19.26 4.29 -9.09
C VAL B 16 18.09 5.17 -8.68
N ARG B 17 18.22 6.47 -8.91
CA ARG B 17 17.16 7.43 -8.65
C ARG B 17 17.13 8.43 -9.79
N THR B 18 15.98 9.08 -9.96
CA THR B 18 15.90 10.22 -10.84
C THR B 18 16.43 11.45 -10.12
N ALA B 19 16.73 12.49 -10.90
CA ALA B 19 16.92 13.81 -10.32
C ALA B 19 15.58 14.30 -9.77
N ILE B 20 15.63 14.99 -8.65
CA ILE B 20 14.41 15.44 -7.98
C ILE B 20 13.91 16.71 -8.65
N GLY B 21 12.68 16.67 -9.15
CA GLY B 21 12.09 17.82 -9.81
C GLY B 21 11.30 18.68 -8.84
N ASP B 22 11.22 19.97 -9.15
CA ASP B 22 10.50 20.90 -8.32
C ASP B 22 8.99 20.84 -8.60
N PHE B 23 8.22 21.40 -7.68
CA PHE B 23 6.78 21.51 -7.86
C PHE B 23 6.48 22.31 -9.12
N GLY B 24 5.86 21.65 -10.10
CA GLY B 24 5.62 22.28 -11.38
C GLY B 24 6.88 22.47 -12.20
N GLY B 25 7.87 21.59 -12.03
CA GLY B 25 9.15 21.75 -12.68
C GLY B 25 9.40 20.80 -13.83
N SER B 26 10.62 20.25 -13.89
CA SER B 26 11.05 19.52 -15.07
C SER B 26 10.29 18.22 -15.27
N LEU B 27 9.89 17.55 -14.19
CA LEU B 27 9.19 16.28 -14.27
C LEU B 27 7.68 16.43 -14.12
N LYS B 28 7.14 17.64 -14.30
CA LYS B 28 5.71 17.82 -14.12
C LYS B 28 4.89 17.04 -15.13
N ASP B 29 5.48 16.66 -16.27
CA ASP B 29 4.77 15.97 -17.33
C ASP B 29 4.99 14.46 -17.30
N PHE B 30 5.68 13.95 -16.28
CA PHE B 30 6.00 12.52 -16.19
C PHE B 30 5.20 11.93 -15.04
N SER B 31 4.22 11.09 -15.38
CA SER B 31 3.36 10.49 -14.38
C SER B 31 4.17 9.56 -13.46
N PRO B 32 3.63 9.24 -12.29
CA PRO B 32 4.37 8.34 -11.38
C PRO B 32 4.67 6.98 -11.99
N THR B 33 3.75 6.42 -12.77
CA THR B 33 4.01 5.13 -13.41
C THR B 33 5.11 5.27 -14.46
N ASP B 34 5.13 6.39 -15.19
CA ASP B 34 6.20 6.64 -16.13
C ASP B 34 7.55 6.63 -15.43
N LEU B 35 7.67 7.43 -14.35
CA LEU B 35 8.92 7.45 -13.60
C LEU B 35 9.23 6.08 -12.99
N GLY B 36 8.19 5.38 -12.54
CA GLY B 36 8.42 4.07 -11.94
C GLY B 36 9.01 3.07 -12.92
N ALA B 37 8.46 3.03 -14.13
CA ALA B 37 8.99 2.11 -15.14
C ALA B 37 10.41 2.49 -15.54
N LYS B 38 10.70 3.79 -15.61
CA LYS B 38 12.04 4.23 -15.97
C LYS B 38 13.08 3.67 -15.01
N VAL B 39 12.80 3.70 -13.70
CA VAL B 39 13.79 3.25 -12.73
C VAL B 39 13.78 1.73 -12.62
N VAL B 40 12.64 1.08 -12.87
CA VAL B 40 12.61 -0.39 -12.85
C VAL B 40 13.52 -0.95 -13.93
N SER B 41 13.42 -0.43 -15.15
CA SER B 41 14.25 -0.92 -16.24
C SER B 41 15.73 -0.69 -15.94
N GLU B 42 16.05 0.41 -15.26
CA GLU B 42 17.46 0.75 -15.04
C GLU B 42 18.08 -0.15 -13.99
N VAL B 43 17.37 -0.43 -12.88
CA VAL B 43 17.93 -1.31 -11.86
C VAL B 43 18.18 -2.70 -12.43
N LEU B 44 17.31 -3.14 -13.35
CA LEU B 44 17.55 -4.42 -14.00
C LEU B 44 18.83 -4.39 -14.81
N SER B 45 19.02 -3.32 -15.59
CA SER B 45 20.22 -3.20 -16.41
C SER B 45 21.48 -3.14 -15.54
N ARG B 46 21.50 -2.24 -14.57
CA ARG B 46 22.67 -2.08 -13.72
C ARG B 46 23.04 -3.39 -13.05
N ALA B 47 22.04 -4.16 -12.61
CA ALA B 47 22.28 -5.45 -11.98
C ALA B 47 22.46 -6.58 -13.00
N ASN B 48 22.12 -6.35 -14.26
CA ASN B 48 22.24 -7.37 -15.30
C ASN B 48 21.35 -8.57 -14.99
N VAL B 49 20.10 -8.28 -14.66
CA VAL B 49 19.12 -9.30 -14.29
C VAL B 49 18.01 -9.28 -15.33
N SER B 50 17.68 -10.47 -15.85
CA SER B 50 16.59 -10.57 -16.81
C SER B 50 15.26 -10.24 -16.14
N GLY B 51 14.43 -9.48 -16.84
CA GLY B 51 13.10 -9.17 -16.35
C GLY B 51 12.25 -10.40 -16.09
N ASP B 52 12.67 -11.57 -16.58
CA ASP B 52 11.97 -12.82 -16.33
C ASP B 52 12.39 -13.48 -15.02
N ALA B 53 13.32 -12.88 -14.27
CA ALA B 53 13.91 -13.52 -13.09
C ALA B 53 13.58 -12.78 -11.80
N VAL B 54 12.58 -11.90 -11.81
CA VAL B 54 12.19 -11.12 -10.64
C VAL B 54 11.05 -11.83 -9.94
N GLY B 55 11.14 -11.93 -8.61
CA GLY B 55 10.15 -12.64 -7.83
C GLY B 55 9.07 -11.76 -7.25
N HIS B 56 9.39 -10.49 -7.01
CA HIS B 56 8.43 -9.55 -6.44
C HIS B 56 8.85 -8.13 -6.80
N VAL B 57 7.87 -7.27 -6.98
CA VAL B 57 8.09 -5.83 -7.14
C VAL B 57 7.21 -5.11 -6.13
N VAL B 58 7.80 -4.18 -5.38
CA VAL B 58 7.09 -3.39 -4.39
C VAL B 58 7.45 -1.93 -4.58
N PHE B 59 6.45 -1.07 -4.66
CA PHE B 59 6.67 0.36 -4.84
C PHE B 59 5.89 1.15 -3.79
N GLY B 60 6.53 2.17 -3.23
CA GLY B 60 5.86 3.09 -2.33
C GLY B 60 5.29 4.28 -3.09
N HIS B 61 4.11 4.71 -2.67
CA HIS B 61 3.39 5.76 -3.40
C HIS B 61 2.17 6.21 -2.59
N VAL B 62 1.96 7.51 -2.47
CA VAL B 62 0.97 8.08 -1.55
C VAL B 62 -0.20 8.72 -2.30
N VAL B 63 0.08 9.69 -3.18
CA VAL B 63 -0.96 10.52 -3.78
C VAL B 63 -1.25 9.97 -5.18
N ASN B 64 -2.39 9.30 -5.33
CA ASN B 64 -2.81 8.83 -6.63
C ASN B 64 -3.16 10.04 -7.51
N THR B 65 -2.50 10.14 -8.67
CA THR B 65 -2.73 11.23 -9.60
C THR B 65 -3.69 10.85 -10.72
N GLU B 66 -3.90 9.56 -10.94
CA GLU B 66 -4.78 9.08 -12.00
C GLU B 66 -5.12 7.63 -11.71
N PRO B 67 -6.14 7.07 -12.38
CA PRO B 67 -6.48 5.66 -12.13
C PRO B 67 -5.29 4.72 -12.20
N LYS B 68 -4.41 4.90 -13.19
CA LYS B 68 -3.24 4.05 -13.34
C LYS B 68 -2.45 3.92 -12.04
N ASP B 69 -2.48 4.94 -11.19
CA ASP B 69 -1.65 4.93 -9.99
C ASP B 69 -2.09 3.88 -8.98
N MET B 70 -3.37 3.48 -9.00
CA MET B 70 -3.79 2.37 -8.14
C MET B 70 -3.19 1.05 -8.59
N TYR B 71 -2.57 1.01 -9.77
CA TYR B 71 -1.83 -0.14 -10.26
C TYR B 71 -0.33 0.13 -10.32
N LEU B 72 0.16 1.12 -9.58
CA LEU B 72 1.47 1.68 -9.85
C LEU B 72 2.57 0.62 -9.90
N ALA B 73 2.68 -0.18 -8.84
CA ALA B 73 3.75 -1.19 -8.79
C ALA B 73 3.69 -2.12 -10.00
N ARG B 74 2.48 -2.52 -10.39
CA ARG B 74 2.33 -3.44 -11.51
C ARG B 74 2.60 -2.76 -12.84
N VAL B 75 2.28 -1.47 -12.96
CA VAL B 75 2.53 -0.76 -14.21
C VAL B 75 4.02 -0.46 -14.35
N ALA B 76 4.66 -0.03 -13.27
CA ALA B 76 6.09 0.22 -13.31
C ALA B 76 6.85 -1.04 -13.66
N ALA B 77 6.42 -2.19 -13.14
CA ALA B 77 7.10 -3.45 -13.40
C ALA B 77 6.94 -3.86 -14.87
N ILE B 78 5.70 -4.01 -15.32
CA ILE B 78 5.45 -4.45 -16.69
C ILE B 78 6.13 -3.51 -17.68
N ASN B 79 5.84 -2.22 -17.60
CA ASN B 79 6.42 -1.27 -18.53
C ASN B 79 7.92 -1.08 -18.31
N GLY B 80 8.45 -1.53 -17.18
CA GLY B 80 9.87 -1.53 -16.93
C GLY B 80 10.60 -2.76 -17.44
N GLY B 81 9.88 -3.71 -18.02
CA GLY B 81 10.48 -4.91 -18.57
C GLY B 81 10.38 -6.15 -17.71
N VAL B 82 9.67 -6.10 -16.60
CA VAL B 82 9.52 -7.26 -15.73
C VAL B 82 8.42 -8.16 -16.27
N ALA B 83 8.68 -9.46 -16.30
CA ALA B 83 7.72 -10.41 -16.84
C ALA B 83 6.39 -10.33 -16.10
N GLN B 84 5.33 -10.72 -16.79
CA GLN B 84 3.98 -10.64 -16.22
C GLN B 84 3.75 -11.67 -15.12
N HIS B 85 4.65 -12.65 -14.95
CA HIS B 85 4.49 -13.63 -13.88
C HIS B 85 4.94 -13.10 -12.52
N THR B 86 5.49 -11.89 -12.46
CA THR B 86 6.02 -11.35 -11.22
C THR B 86 4.93 -10.57 -10.48
N PRO B 87 4.61 -10.92 -9.23
CA PRO B 87 3.65 -10.11 -8.47
C PRO B 87 4.17 -8.69 -8.22
N ALA B 88 3.22 -7.78 -8.01
CA ALA B 88 3.53 -6.37 -7.80
C ALA B 88 2.64 -5.79 -6.73
N LEU B 89 3.23 -5.04 -5.80
CA LEU B 89 2.52 -4.49 -4.66
C LEU B 89 2.83 -3.01 -4.49
N THR B 90 1.79 -2.23 -4.21
CA THR B 90 1.94 -0.82 -3.87
C THR B 90 1.66 -0.64 -2.38
N VAL B 91 2.58 0.01 -1.67
CA VAL B 91 2.47 0.21 -0.23
C VAL B 91 2.44 1.70 0.06
N ASN B 92 1.71 2.07 1.11
CA ASN B 92 1.58 3.46 1.53
C ASN B 92 1.83 3.53 3.03
N ARG B 93 3.01 3.98 3.41
CA ARG B 93 3.28 4.38 4.79
C ARG B 93 3.70 5.85 4.80
N LEU B 94 2.96 6.68 4.06
CA LEU B 94 3.21 8.12 3.94
C LEU B 94 4.68 8.30 3.53
N CYS B 95 5.44 9.15 4.20
CA CYS B 95 6.80 9.47 3.76
C CYS B 95 7.77 8.34 3.97
N GLY B 96 7.40 7.31 4.72
CA GLY B 96 8.20 6.10 4.82
C GLY B 96 7.94 5.09 3.73
N SER B 97 7.05 5.42 2.80
CA SER B 97 6.65 4.44 1.78
C SER B 97 7.84 3.94 0.97
N GLY B 98 8.77 4.84 0.63
CA GLY B 98 9.90 4.43 -0.18
C GLY B 98 10.78 3.39 0.50
N LEU B 99 11.05 3.58 1.79
CA LEU B 99 11.84 2.61 2.53
C LEU B 99 11.02 1.39 2.91
N GLN B 100 9.72 1.57 3.14
CA GLN B 100 8.84 0.43 3.40
C GLN B 100 8.81 -0.53 2.20
N ALA B 101 8.77 0.03 0.99
CA ALA B 101 8.75 -0.82 -0.20
C ALA B 101 10.01 -1.67 -0.27
N ILE B 102 11.16 -1.09 0.11
CA ILE B 102 12.40 -1.86 0.14
C ILE B 102 12.33 -2.91 1.24
N VAL B 103 11.77 -2.56 2.40
CA VAL B 103 11.64 -3.52 3.48
C VAL B 103 10.70 -4.65 3.07
N SER B 104 9.52 -4.31 2.55
CA SER B 104 8.57 -5.33 2.13
C SER B 104 9.17 -6.24 1.06
N ALA B 105 9.89 -5.67 0.11
CA ALA B 105 10.54 -6.48 -0.91
C ALA B 105 11.62 -7.37 -0.30
N ALA B 106 12.40 -6.84 0.64
CA ALA B 106 13.41 -7.65 1.30
C ALA B 106 12.79 -8.78 2.10
N GLN B 107 11.56 -8.59 2.59
CA GLN B 107 10.92 -9.62 3.40
C GLN B 107 10.54 -10.84 2.54
N THR B 108 10.19 -10.61 1.27
CA THR B 108 9.93 -11.75 0.40
C THR B 108 11.17 -12.61 0.25
N ILE B 109 12.35 -11.99 0.24
CA ILE B 109 13.60 -12.75 0.16
C ILE B 109 13.91 -13.40 1.50
N MET B 110 13.72 -12.68 2.60
CA MET B 110 14.01 -13.24 3.91
C MET B 110 13.17 -14.49 4.18
N LEU B 111 11.91 -14.48 3.72
CA LEU B 111 10.99 -15.59 3.96
C LEU B 111 11.07 -16.68 2.90
N GLY B 112 11.93 -16.53 1.90
CA GLY B 112 12.06 -17.53 0.86
C GLY B 112 10.95 -17.54 -0.17
N ASP B 113 10.12 -16.49 -0.22
CA ASP B 113 9.10 -16.40 -1.26
C ASP B 113 9.67 -15.96 -2.59
N ALA B 114 10.89 -15.43 -2.60
CA ALA B 114 11.55 -14.97 -3.81
C ALA B 114 13.03 -14.84 -3.52
N ASP B 115 13.85 -14.94 -4.57
CA ASP B 115 15.28 -14.70 -4.45
C ASP B 115 15.72 -13.47 -5.25
N VAL B 116 14.81 -12.82 -5.95
CA VAL B 116 15.04 -11.53 -6.58
C VAL B 116 13.82 -10.64 -6.32
N ALA B 117 14.05 -9.40 -5.93
CA ALA B 117 12.95 -8.49 -5.63
C ALA B 117 13.41 -7.05 -5.87
N ILE B 118 12.50 -6.24 -6.40
CA ILE B 118 12.74 -4.83 -6.62
C ILE B 118 11.91 -4.05 -5.62
N GLY B 119 12.54 -3.08 -4.94
CA GLY B 119 11.82 -2.18 -4.06
C GLY B 119 12.12 -0.74 -4.40
N GLY B 120 11.09 0.07 -4.55
CA GLY B 120 11.29 1.46 -4.89
C GLY B 120 10.11 2.31 -4.49
N GLY B 121 10.09 3.53 -5.03
CA GLY B 121 9.01 4.46 -4.80
C GLY B 121 8.92 5.46 -5.93
N SER B 122 7.74 6.04 -6.09
CA SER B 122 7.51 7.01 -7.15
C SER B 122 6.42 7.97 -6.73
N GLU B 123 6.69 9.27 -6.86
CA GLU B 123 5.73 10.30 -6.48
C GLU B 123 5.90 11.50 -7.41
N ASN B 124 4.77 12.03 -7.88
CA ASN B 124 4.73 13.27 -8.64
C ASN B 124 3.65 14.15 -8.02
N MET B 125 4.06 15.00 -7.08
CA MET B 125 3.10 15.86 -6.39
C MET B 125 2.59 16.98 -7.28
N SER B 126 3.37 17.39 -8.30
CA SER B 126 2.87 18.39 -9.24
C SER B 126 1.59 17.91 -9.92
N ARG B 127 1.49 16.62 -10.20
CA ARG B 127 0.30 16.03 -10.79
C ARG B 127 -0.73 15.61 -9.76
N ALA B 128 -0.51 15.95 -8.49
CA ALA B 128 -1.48 15.63 -7.45
C ALA B 128 -2.82 16.25 -7.81
N PRO B 129 -3.93 15.50 -7.74
CA PRO B 129 -5.19 16.00 -8.27
C PRO B 129 -6.03 16.74 -7.23
N TYR B 130 -7.10 17.35 -7.72
CA TYR B 130 -8.18 17.83 -6.89
C TYR B 130 -9.35 16.87 -7.05
N THR B 131 -10.04 16.57 -5.95
CA THR B 131 -11.17 15.68 -5.97
C THR B 131 -12.47 16.45 -5.73
N VAL B 132 -13.57 15.86 -6.17
CA VAL B 132 -14.91 16.40 -5.94
C VAL B 132 -15.72 15.33 -5.23
N PRO B 133 -15.72 15.30 -3.90
CA PRO B 133 -16.45 14.22 -3.21
C PRO B 133 -17.94 14.17 -3.54
N SER B 134 -18.53 15.29 -3.95
CA SER B 134 -19.95 15.38 -4.24
C SER B 134 -20.29 15.11 -5.70
N ALA B 135 -19.30 14.77 -6.52
CA ALA B 135 -19.55 14.66 -7.96
C ALA B 135 -20.32 13.40 -8.31
N ARG B 136 -20.14 12.31 -7.56
CA ARG B 136 -20.78 11.06 -7.94
C ARG B 136 -22.29 11.12 -7.75
N PHE B 137 -22.75 11.51 -6.56
CA PHE B 137 -24.17 11.54 -6.25
C PHE B 137 -24.72 12.95 -6.16
N GLY B 138 -23.92 13.97 -6.43
CA GLY B 138 -24.42 15.32 -6.56
C GLY B 138 -24.39 16.11 -5.25
N GLN B 139 -24.45 17.43 -5.40
CA GLN B 139 -24.52 18.35 -4.28
C GLN B 139 -25.93 18.86 -4.02
N ARG B 140 -26.77 18.91 -5.06
CA ARG B 140 -28.15 19.36 -4.96
C ARG B 140 -28.23 20.88 -4.80
N MET B 141 -27.72 21.40 -3.68
CA MET B 141 -27.78 22.82 -3.42
C MET B 141 -26.60 23.22 -2.53
N GLY B 142 -26.16 24.46 -2.70
CA GLY B 142 -25.05 24.97 -1.91
C GLY B 142 -23.70 24.68 -2.55
N ASP B 143 -22.72 25.51 -2.21
CA ASP B 143 -21.38 25.36 -2.74
C ASP B 143 -20.76 24.06 -2.23
N ALA B 144 -20.01 23.40 -3.09
CA ALA B 144 -19.17 22.25 -2.74
C ALA B 144 -17.71 22.68 -2.81
N LYS B 145 -16.81 21.76 -2.47
CA LYS B 145 -15.39 22.05 -2.46
C LYS B 145 -14.64 21.18 -3.46
N LEU B 146 -13.57 21.75 -4.02
CA LEU B 146 -12.56 21.01 -4.74
C LEU B 146 -11.42 20.74 -3.76
N VAL B 147 -11.28 19.48 -3.36
CA VAL B 147 -10.33 19.12 -2.32
C VAL B 147 -8.94 18.93 -2.92
N ASP B 148 -7.96 19.63 -2.36
CA ASP B 148 -6.56 19.48 -2.76
C ASP B 148 -6.02 18.22 -2.09
N MET B 149 -5.90 17.14 -2.87
CA MET B 149 -5.40 15.89 -2.32
C MET B 149 -3.93 16.00 -1.92
N MET B 150 -3.18 16.90 -2.55
CA MET B 150 -1.80 17.12 -2.16
C MET B 150 -1.72 17.74 -0.77
N LEU B 151 -2.36 18.89 -0.58
CA LEU B 151 -2.36 19.52 0.73
C LEU B 151 -3.03 18.65 1.77
N GLY B 152 -4.09 17.93 1.38
CA GLY B 152 -4.74 17.03 2.31
C GLY B 152 -3.80 15.95 2.83
N ALA B 153 -2.94 15.44 1.95
CA ALA B 153 -1.96 14.44 2.37
C ALA B 153 -0.94 15.02 3.34
N LEU B 154 -0.74 16.33 3.33
CA LEU B 154 0.18 17.01 4.24
C LEU B 154 -0.49 17.45 5.53
N HIS B 155 -1.68 16.93 5.82
CA HIS B 155 -2.41 17.28 7.03
C HIS B 155 -2.54 16.05 7.91
N ASP B 156 -2.27 16.23 9.21
CA ASP B 156 -2.51 15.17 10.17
C ASP B 156 -4.01 14.85 10.19
N PRO B 157 -4.40 13.59 10.02
CA PRO B 157 -5.84 13.27 9.93
C PRO B 157 -6.59 13.32 11.24
N PHE B 158 -5.90 13.50 12.37
CA PHE B 158 -6.55 13.53 13.68
C PHE B 158 -6.86 14.95 14.14
N GLN B 159 -5.88 15.84 14.10
CA GLN B 159 -6.06 17.24 14.46
C GLN B 159 -6.26 18.14 13.24
N THR B 160 -6.15 17.60 12.03
CA THR B 160 -6.31 18.38 10.80
C THR B 160 -5.43 19.63 10.82
N ILE B 161 -4.14 19.41 11.09
CA ILE B 161 -3.13 20.46 11.07
C ILE B 161 -2.06 20.08 10.06
N HIS B 162 -1.45 21.10 9.46
CA HIS B 162 -0.37 20.85 8.52
C HIS B 162 0.81 20.21 9.25
N MET B 163 1.57 19.40 8.51
CA MET B 163 2.75 18.76 9.10
C MET B 163 3.70 19.79 9.69
N GLY B 164 3.71 21.02 9.15
CA GLY B 164 4.56 22.05 9.69
C GLY B 164 4.18 22.44 11.10
N VAL B 165 2.88 22.32 11.44
CA VAL B 165 2.46 22.59 12.81
C VAL B 165 3.06 21.56 13.75
N THR B 166 3.08 20.28 13.34
CA THR B 166 3.73 19.26 14.15
C THR B 166 5.23 19.52 14.26
N ALA B 167 5.82 20.17 13.25
CA ALA B 167 7.22 20.54 13.34
C ALA B 167 7.44 21.62 14.38
N GLU B 168 6.49 22.56 14.49
CA GLU B 168 6.59 23.57 15.54
C GLU B 168 6.50 22.94 16.92
N ASN B 169 5.58 21.98 17.10
CA ASN B 169 5.49 21.27 18.37
C ASN B 169 6.82 20.60 18.71
N VAL B 170 7.46 19.98 17.73
CA VAL B 170 8.74 19.33 17.97
C VAL B 170 9.81 20.35 18.31
N ALA B 171 9.77 21.53 17.68
CA ALA B 171 10.73 22.57 17.99
C ALA B 171 10.53 23.11 19.39
N ARG B 172 9.28 23.36 19.77
CA ARG B 172 8.99 23.89 21.11
C ARG B 172 9.34 22.88 22.19
N LYS B 173 9.07 21.61 21.96
CA LYS B 173 9.29 20.59 22.99
C LYS B 173 10.78 20.29 23.16
N TYR B 174 11.53 20.26 22.06
CA TYR B 174 12.94 19.87 22.09
C TYR B 174 13.89 21.04 21.96
N GLY B 175 13.39 22.27 22.05
CA GLY B 175 14.24 23.44 22.11
C GLY B 175 15.08 23.68 20.86
N ILE B 176 14.45 23.62 19.70
CA ILE B 176 15.11 23.91 18.42
C ILE B 176 14.78 25.33 18.04
N THR B 177 15.80 26.19 17.98
CA THR B 177 15.59 27.61 17.72
C THR B 177 15.49 27.89 16.22
N ARG B 178 14.94 29.07 15.90
CA ARG B 178 14.89 29.51 14.52
C ARG B 178 16.29 29.60 13.93
N ASP B 179 17.25 30.11 14.69
CA ASP B 179 18.63 30.18 14.20
C ASP B 179 19.21 28.79 13.99
N ALA B 180 18.82 27.83 14.82
CA ALA B 180 19.29 26.46 14.63
C ALA B 180 18.70 25.84 13.38
N GLN B 181 17.42 26.12 13.10
CA GLN B 181 16.80 25.59 11.89
C GLN B 181 17.41 26.23 10.64
N ASP B 182 17.57 27.55 10.65
CA ASP B 182 18.13 28.23 9.49
C ASP B 182 19.57 27.84 9.23
N ALA B 183 20.30 27.39 10.26
CA ALA B 183 21.67 26.94 10.04
C ALA B 183 21.69 25.61 9.28
N LEU B 184 20.88 24.65 9.72
CA LEU B 184 20.81 23.37 9.02
C LEU B 184 20.34 23.55 7.59
N ALA B 185 19.38 24.45 7.37
CA ALA B 185 18.86 24.66 6.02
C ALA B 185 19.96 25.18 5.10
N LEU B 186 20.70 26.20 5.54
CA LEU B 186 21.78 26.73 4.72
C LEU B 186 22.82 25.65 4.43
N GLU B 187 23.29 24.97 5.48
CA GLU B 187 24.32 23.95 5.28
C GLU B 187 23.84 22.87 4.33
N SER B 188 22.60 22.40 4.51
CA SER B 188 22.03 21.41 3.59
C SER B 188 22.14 21.87 2.15
N HIS B 189 21.84 23.15 1.90
CA HIS B 189 21.96 23.68 0.54
C HIS B 189 23.41 23.72 0.08
N ARG B 190 24.34 24.07 0.98
CA ARG B 190 25.74 24.13 0.61
C ARG B 190 26.34 22.75 0.43
N ARG B 191 25.90 21.77 1.24
CA ARG B 191 26.37 20.40 1.04
C ARG B 191 25.90 19.85 -0.29
N ALA B 192 24.65 20.13 -0.66
CA ALA B 192 24.13 19.66 -1.94
C ALA B 192 24.86 20.32 -3.10
N ALA B 193 25.04 21.64 -3.03
CA ALA B 193 25.78 22.34 -4.08
C ALA B 193 27.17 21.75 -4.26
N ARG B 194 27.86 21.48 -3.15
CA ARG B 194 29.16 20.82 -3.24
C ARG B 194 29.03 19.44 -3.88
N ALA B 195 28.01 18.67 -3.47
CA ALA B 195 27.84 17.34 -4.03
C ALA B 195 27.62 17.39 -5.54
N ILE B 196 26.80 18.35 -6.00
CA ILE B 196 26.53 18.47 -7.42
C ILE B 196 27.77 18.98 -8.16
N ALA B 197 28.51 19.90 -7.53
CA ALA B 197 29.72 20.43 -8.15
C ALA B 197 30.76 19.33 -8.31
N GLU B 198 30.98 18.54 -7.25
CA GLU B 198 31.94 17.45 -7.30
C GLU B 198 31.42 16.22 -8.04
N GLY B 199 30.19 16.25 -8.53
CA GLY B 199 29.65 15.14 -9.28
C GLY B 199 29.30 13.92 -8.47
N ARG B 200 29.03 14.09 -7.17
CA ARG B 200 28.79 12.94 -6.31
C ARG B 200 27.54 12.18 -6.70
N PHE B 201 26.57 12.85 -7.34
CA PHE B 201 25.30 12.23 -7.68
C PHE B 201 25.27 11.65 -9.09
N LYS B 202 26.34 11.82 -9.87
CA LYS B 202 26.28 11.44 -11.28
C LYS B 202 25.89 9.98 -11.46
N ASP B 203 26.63 9.07 -10.82
CA ASP B 203 26.43 7.65 -11.07
C ASP B 203 25.04 7.20 -10.66
N GLN B 204 24.56 7.65 -9.51
CA GLN B 204 23.29 7.17 -8.96
C GLN B 204 22.08 7.72 -9.67
N ILE B 205 22.22 8.77 -10.48
CA ILE B 205 21.09 9.45 -11.09
C ILE B 205 20.88 8.89 -12.50
N LEU B 206 19.60 8.68 -12.84
CA LEU B 206 19.21 8.34 -14.20
C LEU B 206 18.75 9.61 -14.90
N PRO B 207 19.39 10.04 -15.99
CA PRO B 207 18.89 11.23 -16.69
C PRO B 207 17.58 10.93 -17.39
N ILE B 208 16.78 11.98 -17.56
CA ILE B 208 15.49 11.91 -18.23
C ILE B 208 15.43 13.02 -19.27
N SER B 209 15.28 12.65 -20.54
CA SER B 209 15.12 13.65 -21.60
C SER B 209 13.74 14.30 -21.45
N ILE B 210 13.74 15.61 -21.23
CA ILE B 210 12.50 16.32 -20.92
C ILE B 210 12.06 17.15 -22.11
N ARG B 211 11.88 16.49 -23.26
CA ARG B 211 11.18 17.02 -24.43
C ARG B 211 10.73 18.48 -24.28
N THR B 212 11.62 19.42 -24.59
CA THR B 212 11.27 20.83 -24.60
C THR B 212 11.06 21.32 -26.03
N LYS B 213 10.57 22.54 -26.16
CA LYS B 213 10.31 23.11 -27.47
C LYS B 213 11.59 23.53 -28.18
N LYS B 214 12.70 23.64 -27.46
CA LYS B 214 14.00 23.93 -28.05
C LYS B 214 14.83 22.68 -28.31
N GLY B 215 14.18 21.52 -28.32
CA GLY B 215 14.87 20.25 -28.43
C GLY B 215 14.94 19.52 -27.10
N GLU B 216 15.33 18.26 -27.18
CA GLU B 216 15.41 17.41 -25.99
C GLU B 216 16.64 17.77 -25.18
N VAL B 217 16.45 17.93 -23.87
CA VAL B 217 17.53 18.21 -22.93
C VAL B 217 17.43 17.22 -21.77
N ALA B 218 18.59 16.87 -21.22
CA ALA B 218 18.68 15.85 -20.18
C ALA B 218 18.51 16.51 -18.81
N PHE B 219 17.49 16.07 -18.07
CA PHE B 219 17.29 16.51 -16.69
C PHE B 219 18.00 15.50 -15.78
N ASP B 220 19.16 15.91 -15.26
CA ASP B 220 19.97 15.00 -14.45
C ASP B 220 20.55 15.70 -13.21
N THR B 221 19.97 16.83 -12.80
CA THR B 221 20.48 17.59 -11.66
C THR B 221 19.31 18.04 -10.80
N ASP B 222 19.38 17.72 -9.51
CA ASP B 222 18.36 18.17 -8.57
C ASP B 222 18.21 19.68 -8.64
N GLU B 223 17.01 20.14 -8.96
CA GLU B 223 16.78 21.55 -9.29
C GLU B 223 16.26 22.37 -8.12
N HIS B 224 16.09 21.76 -6.94
CA HIS B 224 15.62 22.48 -5.76
C HIS B 224 16.76 23.14 -4.99
N VAL B 225 18.01 22.84 -5.33
CA VAL B 225 19.15 23.33 -4.57
C VAL B 225 19.39 24.80 -4.89
N ARG B 226 19.94 25.51 -3.91
CA ARG B 226 20.29 26.92 -4.04
C ARG B 226 21.81 27.03 -3.93
N HIS B 227 22.47 27.24 -5.07
CA HIS B 227 23.93 27.25 -5.11
C HIS B 227 24.52 28.56 -4.64
N ASP B 228 23.71 29.59 -4.43
CA ASP B 228 24.17 30.90 -3.98
C ASP B 228 23.58 31.26 -2.62
N ALA B 229 23.22 30.25 -1.84
CA ALA B 229 22.53 30.50 -0.58
C ALA B 229 23.47 31.12 0.44
N GLY B 230 22.94 32.06 1.22
CA GLY B 230 23.66 32.68 2.30
C GLY B 230 22.78 32.79 3.54
N PRO B 231 23.40 33.02 4.71
CA PRO B 231 22.59 33.09 5.94
C PRO B 231 21.44 34.08 5.83
N ASP B 232 21.65 35.21 5.16
CA ASP B 232 20.57 36.18 4.99
C ASP B 232 19.43 35.62 4.15
N ASP B 233 19.69 34.61 3.31
CA ASP B 233 18.64 34.07 2.45
C ASP B 233 17.52 33.43 3.28
N PHE B 234 17.83 32.96 4.48
CA PHE B 234 16.86 32.27 5.31
C PHE B 234 16.32 33.14 6.45
N THR B 235 17.10 34.11 6.92
CA THR B 235 16.66 34.93 8.05
C THR B 235 15.50 35.84 7.67
N LYS B 236 15.41 36.24 6.40
CA LYS B 236 14.38 37.17 5.96
C LYS B 236 13.00 36.54 5.82
N LEU B 237 12.91 35.22 5.81
CA LEU B 237 11.63 34.56 5.61
C LEU B 237 10.83 34.51 6.91
N LYS B 238 9.49 34.55 6.76
CA LYS B 238 8.59 34.55 7.89
C LYS B 238 8.03 33.15 8.13
N PRO B 239 7.61 32.84 9.36
CA PRO B 239 6.98 31.53 9.61
C PRO B 239 5.74 31.35 8.76
N VAL B 240 5.48 30.09 8.40
CA VAL B 240 4.45 29.77 7.41
C VAL B 240 3.26 29.02 8.00
N PHE B 241 3.44 28.31 9.12
CA PHE B 241 2.43 27.37 9.59
C PHE B 241 1.77 27.77 10.90
N VAL B 242 2.19 28.87 11.52
CA VAL B 242 1.54 29.37 12.73
C VAL B 242 1.61 30.89 12.73
N LYS B 243 0.57 31.52 13.27
CA LYS B 243 0.51 32.98 13.29
C LYS B 243 1.32 33.59 14.41
N GLU B 244 1.61 32.84 15.47
CA GLU B 244 2.30 33.35 16.64
C GLU B 244 3.49 32.47 16.99
N ASP B 245 4.59 33.11 17.40
CA ASP B 245 5.79 32.41 17.84
C ASP B 245 6.16 31.27 16.89
N GLY B 246 6.21 31.61 15.60
CA GLY B 246 6.54 30.63 14.59
C GLY B 246 8.04 30.55 14.33
N THR B 247 8.45 29.40 13.77
CA THR B 247 9.85 29.18 13.42
C THR B 247 10.05 28.42 12.12
N VAL B 248 9.07 27.65 11.65
CA VAL B 248 9.21 26.91 10.40
C VAL B 248 8.84 27.84 9.24
N THR B 249 9.73 27.93 8.26
CA THR B 249 9.56 28.80 7.11
C THR B 249 9.62 27.98 5.83
N ALA B 250 9.37 28.64 4.70
CA ALA B 250 9.50 27.99 3.41
C ALA B 250 10.95 27.67 3.06
N GLY B 251 11.91 28.21 3.81
CA GLY B 251 13.31 27.98 3.54
C GLY B 251 13.90 26.84 4.35
N ASN B 252 13.50 26.72 5.61
CA ASN B 252 13.96 25.65 6.47
C ASN B 252 13.04 24.44 6.47
N ALA B 253 12.04 24.42 5.59
CA ALA B 253 11.17 23.27 5.41
C ALA B 253 11.47 22.60 4.08
N SER B 254 11.23 21.29 4.03
CA SER B 254 11.44 20.56 2.79
C SER B 254 10.51 21.09 1.70
N GLY B 255 10.86 20.75 0.45
CA GLY B 255 10.06 21.16 -0.69
C GLY B 255 9.04 20.13 -1.10
N ILE B 256 8.24 20.50 -2.09
CA ILE B 256 7.23 19.64 -2.69
C ILE B 256 7.76 19.24 -4.06
N ASN B 257 8.07 17.95 -4.25
CA ASN B 257 8.90 17.54 -5.37
C ASN B 257 8.40 16.24 -5.99
N ASP B 258 8.92 15.95 -7.18
CA ASP B 258 8.59 14.76 -7.95
C ASP B 258 9.86 13.97 -8.25
N ALA B 259 9.80 12.65 -8.13
CA ALA B 259 10.94 11.79 -8.41
C ALA B 259 10.54 10.34 -8.23
N ALA B 260 11.44 9.44 -8.63
CA ALA B 260 11.28 8.01 -8.41
C ALA B 260 12.65 7.40 -8.18
N ALA B 261 12.65 6.24 -7.54
CA ALA B 261 13.89 5.51 -7.27
C ALA B 261 13.55 4.06 -7.00
N ALA B 262 14.57 3.19 -7.13
CA ALA B 262 14.37 1.78 -6.89
C ALA B 262 15.72 1.12 -6.58
N VAL B 263 15.64 -0.07 -6.00
CA VAL B 263 16.82 -0.90 -5.77
C VAL B 263 16.43 -2.34 -6.09
N LEU B 264 17.39 -3.08 -6.64
CA LEU B 264 17.23 -4.49 -6.92
C LEU B 264 17.97 -5.29 -5.86
N MET B 265 17.27 -6.23 -5.23
CA MET B 265 17.82 -7.02 -4.15
C MET B 265 17.77 -8.50 -4.52
N MET B 266 18.69 -9.26 -3.93
CA MET B 266 18.79 -10.69 -4.17
C MET B 266 19.11 -11.39 -2.85
N SER B 267 18.76 -12.67 -2.79
CA SER B 267 19.25 -13.50 -1.71
C SER B 267 20.77 -13.61 -1.79
N ALA B 268 21.41 -13.81 -0.64
CA ALA B 268 22.86 -13.93 -0.63
C ALA B 268 23.32 -15.09 -1.51
N ASP B 269 22.54 -16.17 -1.57
CA ASP B 269 22.92 -17.31 -2.40
C ASP B 269 22.75 -17.00 -3.88
N ALA B 270 21.69 -16.26 -4.24
CA ALA B 270 21.46 -15.93 -5.64
C ALA B 270 22.47 -14.92 -6.16
N ALA B 271 22.88 -13.98 -5.30
CA ALA B 271 23.91 -13.03 -5.71
C ALA B 271 25.27 -13.71 -5.83
N ARG B 272 25.59 -14.58 -4.88
CA ARG B 272 26.82 -15.36 -4.98
C ARG B 272 26.88 -16.13 -6.29
N ALA B 273 25.74 -16.68 -6.72
CA ALA B 273 25.70 -17.53 -7.89
C ALA B 273 25.75 -16.76 -9.20
N GLN B 274 25.50 -15.45 -9.18
CA GLN B 274 25.50 -14.64 -10.39
C GLN B 274 26.77 -13.82 -10.56
N GLY B 275 27.64 -13.78 -9.56
CA GLY B 275 28.86 -12.99 -9.68
C GLY B 275 28.63 -11.51 -9.78
N VAL B 276 27.53 -11.01 -9.20
CA VAL B 276 27.25 -9.59 -9.20
C VAL B 276 28.09 -8.91 -8.14
N LYS B 277 28.53 -7.67 -8.42
CA LYS B 277 29.25 -6.86 -7.44
C LYS B 277 28.25 -5.95 -6.73
N PRO B 278 27.78 -6.29 -5.54
CA PRO B 278 26.65 -5.58 -4.95
C PRO B 278 27.07 -4.31 -4.22
N LEU B 279 26.05 -3.48 -3.93
CA LEU B 279 26.27 -2.26 -3.18
C LEU B 279 26.45 -2.55 -1.70
N ALA B 280 25.45 -3.15 -1.07
CA ALA B 280 25.47 -3.39 0.37
C ALA B 280 24.55 -4.57 0.67
N ARG B 281 24.48 -4.93 1.96
CA ARG B 281 23.57 -5.94 2.44
C ARG B 281 22.71 -5.34 3.55
N LEU B 282 21.53 -5.93 3.75
CA LEU B 282 20.59 -5.43 4.75
C LEU B 282 20.96 -5.99 6.12
N VAL B 283 21.15 -5.09 7.09
CA VAL B 283 21.50 -5.50 8.44
C VAL B 283 20.27 -5.65 9.32
N ALA B 284 19.40 -4.64 9.34
CA ALA B 284 18.21 -4.69 10.17
C ALA B 284 17.30 -3.53 9.78
N TYR B 285 16.05 -3.61 10.23
CA TYR B 285 15.07 -2.55 10.05
C TYR B 285 14.17 -2.52 11.28
N ALA B 286 13.47 -1.40 11.46
CA ALA B 286 12.57 -1.27 12.59
C ALA B 286 11.53 -0.20 12.27
N HIS B 287 10.39 -0.32 12.94
CA HIS B 287 9.30 0.64 12.84
C HIS B 287 8.97 1.16 14.23
N ALA B 288 8.32 2.32 14.27
CA ALA B 288 7.93 2.93 15.54
C ALA B 288 6.73 3.82 15.33
N GLY B 289 5.93 3.97 16.38
CA GLY B 289 4.80 4.89 16.40
C GLY B 289 4.97 5.88 17.53
N VAL B 290 4.53 7.11 17.30
CA VAL B 290 4.66 8.20 18.26
C VAL B 290 3.41 9.06 18.22
N ASP B 291 3.34 10.01 19.14
CA ASP B 291 2.27 10.99 19.17
C ASP B 291 2.15 11.67 17.80
N PRO B 292 1.00 11.56 17.13
CA PRO B 292 0.86 12.23 15.82
C PRO B 292 1.22 13.70 15.87
N ALA B 293 0.96 14.37 16.98
CA ALA B 293 1.31 15.79 17.11
C ALA B 293 2.83 16.00 17.10
N TYR B 294 3.61 14.96 17.37
CA TYR B 294 5.07 15.04 17.39
C TYR B 294 5.67 14.01 16.45
N MET B 295 5.06 13.83 15.28
CA MET B 295 5.53 12.81 14.34
C MET B 295 6.97 13.05 13.92
N GLY B 296 7.49 14.25 14.09
CA GLY B 296 8.83 14.56 13.61
C GLY B 296 9.94 13.79 14.29
N ILE B 297 9.72 13.30 15.51
CA ILE B 297 10.76 12.59 16.26
C ILE B 297 10.59 11.09 16.09
N GLY B 298 9.75 10.68 15.13
CA GLY B 298 9.59 9.28 14.82
C GLY B 298 10.88 8.53 14.57
N PRO B 299 11.84 9.11 13.84
CA PRO B 299 13.09 8.39 13.56
C PRO B 299 13.87 7.98 14.81
N VAL B 300 13.64 8.62 15.95
CA VAL B 300 14.47 8.39 17.12
C VAL B 300 14.22 6.98 17.66
N PRO B 301 13.00 6.64 18.09
CA PRO B 301 12.78 5.26 18.57
C PRO B 301 12.98 4.21 17.48
N ALA B 302 12.71 4.55 16.22
CA ALA B 302 12.93 3.59 15.14
C ALA B 302 14.42 3.32 14.95
N THR B 303 15.24 4.37 14.99
CA THR B 303 16.68 4.19 14.86
C THR B 303 17.24 3.40 16.04
N GLN B 304 16.77 3.68 17.25
CA GLN B 304 17.25 2.95 18.42
C GLN B 304 16.90 1.47 18.32
N LYS B 305 15.67 1.16 17.91
CA LYS B 305 15.28 -0.24 17.77
C LYS B 305 16.09 -0.93 16.67
N ALA B 306 16.30 -0.25 15.54
CA ALA B 306 17.10 -0.85 14.47
C ALA B 306 18.52 -1.16 14.94
N LEU B 307 19.10 -0.28 15.75
CA LEU B 307 20.44 -0.52 16.24
C LEU B 307 20.48 -1.72 17.18
N GLU B 308 19.45 -1.88 18.01
CA GLU B 308 19.37 -3.05 18.88
C GLU B 308 19.35 -4.34 18.07
N ARG B 309 18.48 -4.41 17.06
CA ARG B 309 18.43 -5.60 16.21
C ARG B 309 19.75 -5.84 15.51
N ALA B 310 20.41 -4.76 15.08
CA ALA B 310 21.69 -4.87 14.38
C ALA B 310 22.85 -5.14 15.33
N GLY B 311 22.66 -4.98 16.63
CA GLY B 311 23.77 -5.12 17.56
C GLY B 311 24.84 -4.07 17.35
N LEU B 312 24.46 -2.87 16.95
CA LEU B 312 25.39 -1.79 16.66
C LEU B 312 25.08 -0.59 17.56
N LYS B 313 25.99 0.37 17.54
CA LYS B 313 25.85 1.62 18.28
C LYS B 313 25.79 2.79 17.31
N ILE B 314 25.40 3.95 17.83
CA ILE B 314 25.33 5.15 17.01
C ILE B 314 26.70 5.48 16.43
N THR B 315 27.77 5.16 17.15
CA THR B 315 29.12 5.51 16.71
C THR B 315 29.65 4.59 15.62
N ASP B 316 28.98 3.48 15.34
CA ASP B 316 29.38 2.61 14.24
C ASP B 316 28.81 3.05 12.89
N LEU B 317 27.93 4.06 12.89
CA LEU B 317 27.31 4.52 11.66
C LEU B 317 28.23 5.53 10.97
N ASP B 318 28.72 5.18 9.78
CA ASP B 318 29.55 6.07 9.00
C ASP B 318 28.76 6.97 8.07
N VAL B 319 27.51 6.62 7.77
CA VAL B 319 26.64 7.43 6.93
C VAL B 319 25.23 7.38 7.51
N ILE B 320 24.57 8.53 7.50
CA ILE B 320 23.18 8.63 7.99
C ILE B 320 22.41 9.49 7.00
N GLU B 321 21.34 8.93 6.44
CA GLU B 321 20.39 9.66 5.62
C GLU B 321 19.10 9.76 6.43
N ALA B 322 18.96 10.87 7.16
CA ALA B 322 17.78 11.16 7.96
C ALA B 322 17.05 12.31 7.29
N ASN B 323 15.92 12.01 6.64
CA ASN B 323 15.26 12.98 5.79
C ASN B 323 14.97 14.27 6.55
N GLU B 324 15.32 15.39 5.94
CA GLU B 324 15.05 16.71 6.51
C GLU B 324 13.66 17.17 6.06
N ALA B 325 12.64 16.52 6.64
CA ALA B 325 11.27 16.96 6.41
C ALA B 325 11.10 18.41 6.82
N PHE B 326 11.54 18.75 8.02
CA PHE B 326 11.66 20.13 8.48
C PHE B 326 12.94 20.25 9.29
N ALA B 327 13.62 21.39 9.19
CA ALA B 327 14.78 21.62 10.03
C ALA B 327 14.42 21.50 11.50
N ALA B 328 13.18 21.85 11.87
CA ALA B 328 12.77 21.77 13.26
C ALA B 328 12.86 20.34 13.79
N GLN B 329 12.39 19.37 13.02
CA GLN B 329 12.42 17.98 13.48
C GLN B 329 13.76 17.30 13.20
N ALA B 330 14.42 17.64 12.09
CA ALA B 330 15.72 17.05 11.80
C ALA B 330 16.74 17.40 12.88
N CYS B 331 16.74 18.66 13.34
CA CYS B 331 17.65 19.04 14.42
C CYS B 331 17.36 18.24 15.69
N ALA B 332 16.07 18.09 16.02
CA ALA B 332 15.72 17.32 17.21
C ALA B 332 16.11 15.86 17.07
N VAL B 333 15.93 15.29 15.88
CA VAL B 333 16.31 13.89 15.65
C VAL B 333 17.80 13.73 15.90
N THR B 334 18.63 14.51 15.22
CA THR B 334 20.07 14.46 15.44
C THR B 334 20.39 14.75 16.91
N GLN B 335 19.62 15.63 17.54
CA GLN B 335 19.89 16.01 18.92
C GLN B 335 19.62 14.85 19.87
N GLU B 336 18.44 14.24 19.76
CA GLU B 336 18.05 13.20 20.71
C GLU B 336 18.82 11.90 20.50
N LEU B 337 19.34 11.66 19.30
CA LEU B 337 20.10 10.45 19.04
C LEU B 337 21.59 10.61 19.32
N GLY B 338 22.08 11.83 19.42
CA GLY B 338 23.51 12.05 19.65
C GLY B 338 24.35 11.80 18.41
N LEU B 339 23.85 12.18 17.24
CA LEU B 339 24.54 11.92 15.98
C LEU B 339 25.50 13.05 15.65
N ASP B 340 26.53 12.71 14.88
CA ASP B 340 27.48 13.70 14.40
C ASP B 340 26.90 14.38 13.16
N PRO B 341 26.56 15.68 13.22
CA PRO B 341 25.97 16.33 12.04
C PRO B 341 26.84 16.24 10.80
N ALA B 342 28.15 15.98 10.94
CA ALA B 342 29.00 15.82 9.77
C ALA B 342 28.72 14.50 9.05
N LYS B 343 28.23 13.50 9.78
CA LYS B 343 27.85 12.22 9.18
C LYS B 343 26.39 12.17 8.74
N VAL B 344 25.59 13.14 9.17
CA VAL B 344 24.16 13.17 8.84
C VAL B 344 23.96 13.99 7.58
N ASN B 345 23.30 13.41 6.58
CA ASN B 345 22.99 14.09 5.33
C ASN B 345 24.22 14.82 4.80
N PRO B 346 25.31 14.11 4.53
CA PRO B 346 26.55 14.79 4.09
C PRO B 346 26.40 15.54 2.78
N ASN B 347 25.39 15.23 1.98
CA ASN B 347 25.17 15.87 0.70
C ASN B 347 23.79 16.51 0.61
N GLY B 348 23.24 16.90 1.76
CA GLY B 348 21.93 17.54 1.80
C GLY B 348 20.81 16.54 1.96
N SER B 349 19.59 17.09 2.01
CA SER B 349 18.40 16.26 2.12
C SER B 349 17.15 17.03 1.72
N GLY B 350 16.03 16.77 2.40
CA GLY B 350 14.75 17.30 1.95
C GLY B 350 14.75 18.80 1.75
N ILE B 351 15.40 19.54 2.66
CA ILE B 351 15.38 21.00 2.57
C ILE B 351 16.01 21.47 1.27
N SER B 352 17.15 20.90 0.90
CA SER B 352 17.90 21.33 -0.28
C SER B 352 17.52 20.53 -1.52
N LEU B 353 17.48 19.21 -1.42
CA LEU B 353 17.28 18.38 -2.60
C LEU B 353 15.80 18.20 -2.93
N GLY B 354 14.92 18.28 -1.95
CA GLY B 354 13.50 18.09 -2.15
C GLY B 354 12.99 16.84 -1.45
N HIS B 355 11.66 16.74 -1.41
CA HIS B 355 10.98 15.69 -0.66
C HIS B 355 9.85 15.10 -1.51
N PRO B 356 10.18 14.21 -2.45
CA PRO B 356 9.14 13.44 -3.19
C PRO B 356 8.59 12.31 -2.31
N ILE B 357 7.64 12.68 -1.46
CA ILE B 357 7.27 11.91 -0.26
C ILE B 357 7.29 10.41 -0.51
N GLY B 358 6.51 9.93 -1.48
CA GLY B 358 6.40 8.49 -1.68
C GLY B 358 7.68 7.84 -2.16
N ALA B 359 8.55 8.61 -2.81
CA ALA B 359 9.82 8.10 -3.33
C ALA B 359 11.01 8.44 -2.43
N THR B 360 10.85 9.33 -1.46
CA THR B 360 11.98 9.78 -0.65
C THR B 360 12.66 8.60 0.02
N GLY B 361 11.89 7.68 0.61
CA GLY B 361 12.48 6.60 1.38
C GLY B 361 13.42 5.74 0.56
N ALA B 362 13.04 5.43 -0.68
CA ALA B 362 13.91 4.67 -1.57
C ALA B 362 15.00 5.54 -2.17
N LEU B 363 14.72 6.84 -2.31
CA LEU B 363 15.70 7.77 -2.89
C LEU B 363 16.91 7.91 -1.99
N ILE B 364 16.69 8.21 -0.71
CA ILE B 364 17.82 8.44 0.19
C ILE B 364 18.54 7.14 0.55
N THR B 365 17.90 5.99 0.35
CA THR B 365 18.63 4.73 0.48
C THR B 365 19.70 4.61 -0.59
N VAL B 366 19.35 4.97 -1.83
CA VAL B 366 20.34 5.01 -2.91
C VAL B 366 21.49 5.95 -2.52
N LYS B 367 21.14 7.14 -2.03
CA LYS B 367 22.16 8.08 -1.60
C LYS B 367 23.10 7.46 -0.56
N ALA B 368 22.51 6.87 0.49
CA ALA B 368 23.31 6.35 1.58
C ALA B 368 24.28 5.27 1.10
N LEU B 369 23.84 4.40 0.19
CA LEU B 369 24.71 3.33 -0.28
C LEU B 369 25.81 3.88 -1.19
N TYR B 370 25.46 4.80 -2.09
CA TYR B 370 26.48 5.39 -2.96
C TYR B 370 27.46 6.24 -2.17
N GLU B 371 27.01 6.84 -1.06
CA GLU B 371 27.93 7.58 -0.20
C GLU B 371 28.88 6.63 0.51
N LEU B 372 28.39 5.45 0.91
CA LEU B 372 29.26 4.47 1.57
C LEU B 372 30.37 4.01 0.64
N LYS B 373 30.10 3.89 -0.66
CA LYS B 373 31.15 3.54 -1.60
C LYS B 373 32.12 4.68 -1.83
N ARG B 374 31.67 5.92 -1.63
CA ARG B 374 32.52 7.07 -1.87
C ARG B 374 33.56 7.24 -0.75
N ILE B 375 33.15 7.04 0.50
CA ILE B 375 34.03 7.26 1.64
C ILE B 375 34.62 5.96 2.18
N GLY B 376 34.35 4.83 1.54
CA GLY B 376 34.91 3.56 1.97
C GLY B 376 34.47 3.17 3.37
N GLY B 377 33.17 3.24 3.63
CA GLY B 377 32.61 3.01 4.94
C GLY B 377 31.92 1.66 5.04
N ARG B 378 31.42 1.39 6.24
CA ARG B 378 30.80 0.11 6.56
C ARG B 378 29.29 0.25 6.72
N TYR B 379 28.83 0.96 7.75
CA TYR B 379 27.42 0.97 8.12
C TYR B 379 26.77 2.30 7.74
N ALA B 380 25.53 2.21 7.26
CA ALA B 380 24.73 3.38 6.92
C ALA B 380 23.35 3.24 7.50
N LEU B 381 22.81 4.34 8.03
CA LEU B 381 21.46 4.39 8.56
C LEU B 381 20.57 5.20 7.64
N VAL B 382 19.37 4.69 7.39
CA VAL B 382 18.36 5.37 6.59
C VAL B 382 17.11 5.46 7.45
N THR B 383 16.61 6.68 7.69
CA THR B 383 15.47 6.86 8.56
C THR B 383 14.73 8.13 8.16
N MET B 384 13.44 8.18 8.48
CA MET B 384 12.64 9.37 8.21
C MET B 384 11.37 9.32 9.07
N CYS B 385 10.82 10.50 9.32
CA CYS B 385 9.58 10.62 10.07
C CYS B 385 8.38 10.38 9.14
N ILE B 386 7.23 10.14 9.75
CA ILE B 386 6.03 9.73 9.01
C ILE B 386 4.84 10.46 9.58
N GLY B 387 4.09 11.13 8.70
CA GLY B 387 2.86 11.78 9.13
C GLY B 387 1.92 10.80 9.79
N GLY B 388 1.20 11.30 10.79
CA GLY B 388 0.34 10.47 11.61
C GLY B 388 1.01 9.90 12.84
N GLY B 389 2.33 10.01 12.96
CA GLY B 389 3.04 9.59 14.15
C GLY B 389 3.75 8.25 14.01
N GLN B 390 4.68 8.15 13.07
CA GLN B 390 5.48 6.94 12.92
C GLN B 390 6.90 7.31 12.51
N GLY B 391 7.76 6.31 12.53
CA GLY B 391 9.11 6.43 12.01
C GLY B 391 9.58 5.07 11.53
N ILE B 392 10.49 5.08 10.56
CA ILE B 392 11.02 3.87 9.98
C ILE B 392 12.53 4.04 9.82
N ALA B 393 13.27 2.95 10.01
CA ALA B 393 14.72 3.01 9.96
C ALA B 393 15.28 1.68 9.45
N ALA B 394 16.33 1.77 8.64
CA ALA B 394 17.02 0.60 8.13
C ALA B 394 18.53 0.85 8.19
N ILE B 395 19.27 -0.24 8.37
CA ILE B 395 20.73 -0.19 8.44
C ILE B 395 21.28 -1.12 7.37
N PHE B 396 22.28 -0.63 6.63
CA PHE B 396 22.94 -1.39 5.59
C PHE B 396 24.44 -1.45 5.86
N GLU B 397 25.09 -2.44 5.25
CA GLU B 397 26.52 -2.66 5.40
C GLU B 397 27.15 -2.67 4.01
N ASN B 398 28.11 -1.78 3.78
CA ASN B 398 28.80 -1.72 2.50
C ASN B 398 29.69 -2.94 2.33
N ILE B 399 29.72 -3.48 1.12
CA ILE B 399 30.43 -4.73 0.85
C ILE B 399 31.03 -4.71 -0.56
N1A COA C . -31.53 -10.22 -11.41
C2A COA C . -32.28 -9.37 -12.11
N3A COA C . -31.83 -8.16 -12.45
C4A COA C . -30.61 -7.77 -12.09
C5A COA C . -29.80 -8.62 -11.37
C6A COA C . -30.30 -9.89 -11.04
N6A COA C . -29.48 -10.85 -10.26
N7A COA C . -28.63 -7.97 -11.15
C8A COA C . -28.73 -6.76 -11.72
N9A COA C . -29.91 -6.63 -12.29
C1B COA C . -30.37 -5.45 -13.00
C2B COA C . -30.66 -4.18 -11.93
O2B COA C . -31.96 -4.31 -11.31
C3B COA C . -30.60 -3.13 -12.64
O3B COA C . -31.93 -2.92 -13.33
P3B COA C . -32.68 -1.46 -13.19
O7A COA C . -33.93 -1.46 -14.01
O8A COA C . -33.03 -1.22 -11.73
O9A COA C . -31.75 -0.36 -13.66
C4B COA C . -29.49 -3.47 -13.71
O4B COA C . -29.48 -5.03 -13.83
C5B COA C . -28.27 -3.02 -13.30
O5B COA C . -28.45 -2.22 -12.09
P1A COA C . -27.24 -2.26 -10.90
O1A COA C . -27.32 -0.99 -10.07
O2A COA C . -27.45 -3.46 -10.01
O3A COA C . -25.76 -2.35 -11.61
P2A COA C . -25.01 -1.07 -12.43
O4A COA C . -25.87 -0.64 -13.58
O5A COA C . -24.80 0.08 -11.46
O6A COA C . -23.51 -1.60 -13.00
CBP COA C . -21.89 -3.25 -13.67
CCP COA C . -23.40 -2.94 -13.47
CDP COA C . -21.27 -2.25 -14.73
CEP COA C . -21.72 -4.71 -14.17
CAP COA C . -21.15 -3.09 -12.32
OAP COA C . -21.93 -3.69 -11.30
C9P COA C . -19.81 -3.73 -12.39
O9P COA C . -18.96 -3.28 -13.04
N8P COA C . -19.56 -4.94 -11.63
C7P COA C . -18.20 -5.59 -11.70
C6P COA C . -17.16 -4.63 -11.11
C5P COA C . -15.70 -5.09 -11.04
O5P COA C . -14.98 -4.90 -11.98
N4P COA C . -15.21 -5.76 -9.84
C3P COA C . -13.77 -6.22 -9.76
C2P COA C . -13.42 -7.11 -10.97
S1P COA C . -11.90 -8.06 -10.59
C1 A1BNQ D . -9.34 -5.69 -8.48
O1 A1BNQ D . -8.44 -6.34 -8.88
C2 A1BNQ D . -10.61 -5.55 -9.31
C3 A1BNQ D . -10.84 -4.08 -9.61
O3 A1BNQ D . -11.56 -3.43 -8.92
C4 A1BNQ D . -10.12 -3.45 -10.79
N1A COA E . 16.10 31.19 0.25
C2A COA E . 15.42 32.26 -0.14
N3A COA E . 14.13 32.22 -0.42
C4A COA E . 13.45 31.08 -0.33
C5A COA E . 14.12 29.93 0.07
C6A COA E . 15.49 30.02 0.36
N6A COA E . 16.26 28.82 0.79
N7A COA E . 13.21 28.93 0.07
C8A COA E . 12.02 29.44 -0.30
N9A COA E . 12.16 30.73 -0.54
C1B COA E . 11.10 31.63 -0.97
C2B COA E . 10.66 31.27 -2.55
O2B COA E . 11.57 31.90 -3.49
C3B COA E . 9.49 31.74 -2.67
O3B COA E . 9.56 33.22 -2.96
P3B COA E . 8.87 33.80 -4.32
O7A COA E . 9.06 35.30 -4.39
O8A COA E . 9.53 33.17 -5.53
O9A COA E . 7.40 33.48 -4.33
C4B COA E . 8.85 31.49 -1.25
O4B COA E . 10.06 31.48 -0.26
C5B COA E . 8.21 30.28 -1.23
O5B COA E . 8.01 29.84 -2.60
P1A COA E . 8.13 28.19 -2.96
O1A COA E . 7.54 27.92 -4.33
O2A COA E . 9.59 27.77 -2.95
O3A COA E . 7.29 27.32 -1.82
P2A COA E . 5.62 27.33 -1.67
O4A COA E . 5.13 28.74 -1.51
O5A COA E . 4.99 26.71 -2.90
O6A COA E . 5.20 26.43 -0.29
CBP COA E . 5.65 25.32 1.80
CCP COA E . 6.10 26.43 0.81
CDP COA E . 4.16 25.58 2.25
CEP COA E . 6.58 25.35 3.04
CAP COA E . 5.75 23.94 1.10
OAP COA E . 6.98 23.87 0.38
C9P COA E . 5.70 22.84 2.11
O9P COA E . 4.67 22.46 2.49
N8P COA E . 6.92 22.24 2.61
C7P COA E . 6.85 21.13 3.62
C6P COA E . 6.09 19.94 3.00
C5P COA E . 5.87 18.68 3.83
O5P COA E . 4.99 18.65 4.65
N4P COA E . 6.72 17.50 3.60
C3P COA E . 6.50 16.24 4.41
C2P COA E . 6.67 16.49 5.91
S1P COA E . 7.08 14.90 6.73
C1 A1BNQ F . 4.92 11.93 5.26
O1 A1BNQ F . 4.80 11.32 6.27
C2 A1BNQ F . 4.80 13.45 5.27
C3 A1BNQ F . 3.55 13.88 4.51
O3 A1BNQ F . 3.60 14.02 3.33
C4 A1BNQ F . 2.25 14.12 5.26
#